data_6ENA
#
_entry.id   6ENA
#
_entity_poly.entity_id   1
_entity_poly.type   'polypeptide(L)'
_entity_poly.pdbx_seq_one_letter_code
;GCIATGSFCTLSKGCCTKNCGWNFKCN(HYP)(HYP)NQ
;
_entity_poly.pdbx_strand_id   A
#
# COMPACT_ATOMS: atom_id res chain seq x y z
N GLY A 1 5.31 -9.91 -7.53
CA GLY A 1 4.28 -8.92 -7.77
C GLY A 1 3.95 -8.23 -6.51
N CYS A 2 3.41 -7.06 -6.60
CA CYS A 2 3.03 -6.31 -5.45
C CYS A 2 1.63 -5.80 -5.65
N ILE A 3 1.10 -5.12 -4.68
CA ILE A 3 -0.15 -4.46 -4.83
C ILE A 3 0.15 -3.07 -5.35
N ALA A 4 -0.55 -2.68 -6.38
CA ALA A 4 -0.38 -1.37 -6.97
C ALA A 4 -0.94 -0.32 -6.03
N THR A 5 -0.38 0.84 -6.05
CA THR A 5 -0.81 1.86 -5.18
C THR A 5 -2.14 2.45 -5.63
N GLY A 6 -3.03 2.58 -4.69
CA GLY A 6 -4.38 2.97 -4.99
C GLY A 6 -5.30 1.78 -4.85
N SER A 7 -4.70 0.59 -4.83
CA SER A 7 -5.45 -0.62 -4.66
C SER A 7 -5.52 -1.02 -3.18
N PHE A 8 -6.48 -1.86 -2.86
CA PHE A 8 -6.74 -2.35 -1.52
C PHE A 8 -5.62 -3.28 -1.04
N CYS A 9 -5.17 -3.07 0.16
CA CYS A 9 -4.13 -3.90 0.73
C CYS A 9 -4.66 -4.60 1.97
N THR A 10 -4.00 -5.66 2.36
CA THR A 10 -4.25 -6.25 3.62
C THR A 10 -3.08 -5.93 4.55
N LEU A 11 -1.90 -5.77 3.94
CA LEU A 11 -0.68 -5.40 4.63
C LEU A 11 0.11 -4.45 3.74
N SER A 12 0.77 -3.48 4.35
CA SER A 12 1.62 -2.50 3.66
C SER A 12 2.75 -3.16 2.87
N LYS A 13 3.17 -4.30 3.39
CA LYS A 13 4.25 -5.13 2.84
C LYS A 13 3.96 -5.51 1.41
N GLY A 14 2.71 -5.80 1.16
CA GLY A 14 2.27 -6.22 -0.15
C GLY A 14 2.34 -5.12 -1.18
N CYS A 15 2.33 -3.90 -0.74
CA CYS A 15 2.33 -2.75 -1.63
C CYS A 15 3.73 -2.47 -2.11
N CYS A 16 3.88 -2.09 -3.39
CA CYS A 16 5.21 -1.73 -3.91
C CYS A 16 5.88 -0.62 -3.12
N THR A 17 5.11 0.34 -2.65
CA THR A 17 5.65 1.44 -1.89
C THR A 17 5.98 1.06 -0.43
N LYS A 18 5.58 -0.15 0.00
CA LYS A 18 5.73 -0.62 1.40
C LYS A 18 4.94 0.25 2.36
N ASN A 19 3.96 0.93 1.83
CA ASN A 19 3.14 1.81 2.62
C ASN A 19 1.70 1.64 2.22
N CYS A 20 0.88 1.35 3.16
CA CYS A 20 -0.53 1.28 2.92
C CYS A 20 -1.19 2.08 4.00
N GLY A 21 -2.18 2.84 3.63
CA GLY A 21 -2.83 3.71 4.57
C GLY A 21 -3.81 3.01 5.45
N TRP A 22 -4.34 3.74 6.42
CA TRP A 22 -5.33 3.24 7.35
C TRP A 22 -6.65 2.98 6.63
N ASN A 23 -6.74 3.48 5.41
CA ASN A 23 -7.92 3.32 4.57
C ASN A 23 -7.84 2.01 3.80
N PHE A 24 -6.75 1.27 4.03
CA PHE A 24 -6.50 -0.04 3.42
C PHE A 24 -6.17 0.05 1.95
N LYS A 25 -5.63 1.16 1.53
CA LYS A 25 -5.19 1.30 0.16
C LYS A 25 -3.71 1.67 0.18
N CYS A 26 -2.96 1.08 -0.72
CA CYS A 26 -1.53 1.29 -0.79
C CYS A 26 -1.22 2.73 -1.17
N ASN A 27 -0.42 3.39 -0.36
CA ASN A 27 -0.13 4.81 -0.53
C ASN A 27 1.33 5.00 -0.87
N HYP A 28 1.69 6.14 -1.48
CA HYP A 28 3.08 6.48 -1.77
C HYP A 28 3.87 6.77 -0.49
O HYP A 28 3.28 6.93 0.58
CB HYP A 28 2.94 7.75 -2.62
CG HYP A 28 1.63 7.58 -3.29
CD HYP A 28 0.74 6.94 -2.29
OD1 HYP A 28 1.73 6.70 -4.39
HA HYP A 28 3.58 5.70 -2.32
HB2 HYP A 28 3.74 7.79 -3.35
HB3 HYP A 28 2.97 8.62 -1.98
HG HYP A 28 1.27 8.54 -3.65
HD22 HYP A 28 0.02 6.32 -2.78
HD23 HYP A 28 0.25 7.69 -1.68
HD1 HYP A 28 0.83 6.46 -4.61
N HYP A 29 5.19 6.81 -0.55
CA HYP A 29 6.00 7.12 0.63
C HYP A 29 5.92 8.60 0.96
O HYP A 29 5.89 9.44 0.06
CB HYP A 29 7.43 6.77 0.19
CG HYP A 29 7.25 6.06 -1.10
CD HYP A 29 6.08 6.70 -1.73
OD1 HYP A 29 6.89 4.71 -0.87
HA HYP A 29 5.71 6.53 1.48
HB2 HYP A 29 7.87 6.14 0.94
HB3 HYP A 29 7.99 7.68 0.09
HG HYP A 29 8.14 6.07 -1.70
HD22 HYP A 29 5.64 6.07 -2.48
HD23 HYP A 29 6.33 7.67 -2.12
HD1 HYP A 29 6.02 4.81 -0.49
N ASN A 30 5.89 8.88 2.26
CA ASN A 30 5.79 10.24 2.79
C ASN A 30 4.53 10.93 2.30
N GLN A 31 3.43 10.48 2.80
CA GLN A 31 2.12 11.01 2.48
C GLN A 31 1.37 11.25 3.76
N GLY A 1 4.77 -10.16 -7.84
CA GLY A 1 4.26 -8.82 -8.12
C GLY A 1 3.71 -8.17 -6.89
N CYS A 2 3.85 -6.87 -6.80
CA CYS A 2 3.39 -6.12 -5.65
C CYS A 2 2.04 -5.49 -5.94
N ILE A 3 1.34 -5.08 -4.92
CA ILE A 3 0.07 -4.44 -5.06
C ILE A 3 0.29 -2.98 -5.41
N ALA A 4 -0.24 -2.58 -6.55
CA ALA A 4 -0.11 -1.22 -7.03
C ALA A 4 -0.85 -0.27 -6.11
N THR A 5 -0.32 0.91 -6.00
CA THR A 5 -0.86 1.88 -5.11
C THR A 5 -2.22 2.37 -5.58
N GLY A 6 -3.12 2.56 -4.64
CA GLY A 6 -4.48 2.88 -4.94
C GLY A 6 -5.38 1.68 -4.72
N SER A 7 -4.77 0.50 -4.72
CA SER A 7 -5.50 -0.73 -4.52
C SER A 7 -5.57 -1.10 -3.03
N PHE A 8 -6.52 -1.98 -2.70
CA PHE A 8 -6.77 -2.42 -1.35
C PHE A 8 -5.59 -3.18 -0.76
N CYS A 9 -5.16 -2.76 0.39
CA CYS A 9 -4.05 -3.38 1.06
C CYS A 9 -4.48 -3.95 2.40
N THR A 10 -3.97 -5.10 2.71
CA THR A 10 -4.12 -5.67 4.00
C THR A 10 -2.81 -5.56 4.77
N LEU A 11 -1.71 -5.66 4.02
CA LEU A 11 -0.38 -5.60 4.57
C LEU A 11 0.47 -4.66 3.73
N SER A 12 1.23 -3.82 4.38
CA SER A 12 2.08 -2.83 3.72
C SER A 12 3.15 -3.49 2.87
N LYS A 13 3.58 -4.64 3.31
CA LYS A 13 4.67 -5.39 2.72
C LYS A 13 4.32 -5.87 1.32
N GLY A 14 3.04 -5.96 1.07
CA GLY A 14 2.55 -6.41 -0.21
C GLY A 14 2.44 -5.27 -1.21
N CYS A 15 2.43 -4.05 -0.73
CA CYS A 15 2.29 -2.88 -1.58
C CYS A 15 3.60 -2.51 -2.23
N CYS A 16 3.54 -1.93 -3.42
CA CYS A 16 4.74 -1.51 -4.15
C CYS A 16 5.50 -0.39 -3.42
N THR A 17 4.79 0.40 -2.63
CA THR A 17 5.42 1.44 -1.83
C THR A 17 5.73 0.96 -0.43
N LYS A 18 5.32 -0.28 -0.15
CA LYS A 18 5.36 -0.85 1.18
C LYS A 18 4.60 -0.01 2.21
N ASN A 19 3.65 0.77 1.73
CA ASN A 19 2.82 1.60 2.59
C ASN A 19 1.37 1.25 2.43
N CYS A 20 0.77 0.84 3.50
CA CYS A 20 -0.64 0.54 3.54
C CYS A 20 -1.25 1.56 4.46
N GLY A 21 -2.24 2.27 4.01
CA GLY A 21 -2.82 3.29 4.82
C GLY A 21 -4.04 2.84 5.56
N TRP A 22 -4.60 3.70 6.40
CA TRP A 22 -5.79 3.41 7.16
C TRP A 22 -7.03 3.55 6.29
N ASN A 23 -6.81 3.95 5.07
CA ASN A 23 -7.86 4.02 4.06
C ASN A 23 -7.91 2.67 3.33
N PHE A 24 -7.01 1.76 3.77
CA PHE A 24 -6.91 0.40 3.24
C PHE A 24 -6.46 0.36 1.80
N LYS A 25 -5.72 1.35 1.40
CA LYS A 25 -5.14 1.39 0.09
C LYS A 25 -3.65 1.50 0.21
N CYS A 26 -2.96 0.92 -0.73
CA CYS A 26 -1.53 1.09 -0.82
C CYS A 26 -1.29 2.52 -1.21
N ASN A 27 -0.66 3.26 -0.34
CA ASN A 27 -0.51 4.68 -0.53
C ASN A 27 0.93 5.05 -0.80
N HYP A 28 1.18 6.26 -1.30
CA HYP A 28 2.54 6.70 -1.59
C HYP A 28 3.30 7.06 -0.29
O HYP A 28 2.67 7.34 0.74
CB HYP A 28 2.32 7.94 -2.49
CG HYP A 28 0.84 7.97 -2.75
CD HYP A 28 0.23 7.35 -1.58
OD1 HYP A 28 0.50 7.17 -3.87
HA HYP A 28 3.09 5.95 -2.13
HB2 HYP A 28 2.89 7.85 -3.40
HB3 HYP A 28 2.65 8.83 -1.96
HG HYP A 28 0.50 8.98 -2.96
HD22 HYP A 28 -0.75 6.96 -1.82
HD23 HYP A 28 0.18 8.04 -0.75
HD1 HYP A 28 1.34 6.80 -4.19
N HYP A 29 4.64 7.02 -0.31
CA HYP A 29 5.46 7.30 0.89
C HYP A 29 5.35 8.76 1.36
O HYP A 29 5.81 9.67 0.68
CB HYP A 29 6.91 7.02 0.41
CG HYP A 29 6.72 6.37 -0.92
CD HYP A 29 5.52 7.00 -1.48
OD1 HYP A 29 6.44 5.00 -0.74
HA HYP A 29 5.22 6.64 1.70
HB2 HYP A 29 7.39 6.36 1.11
HB3 HYP A 29 7.45 7.95 0.33
HG HYP A 29 7.61 6.47 -1.52
HD22 HYP A 29 5.10 6.38 -2.27
HD23 HYP A 29 5.73 7.99 -1.84
HD1 HYP A 29 5.57 5.04 -0.35
N ASN A 30 4.74 8.94 2.49
CA ASN A 30 4.57 10.26 3.12
C ASN A 30 4.76 10.12 4.62
N GLN A 31 5.31 9.02 5.01
CA GLN A 31 5.51 8.67 6.39
C GLN A 31 6.93 8.97 6.78
N GLY A 1 4.39 -10.56 -6.83
CA GLY A 1 3.87 -9.30 -7.33
C GLY A 1 3.50 -8.40 -6.18
N CYS A 2 3.47 -7.12 -6.42
CA CYS A 2 3.13 -6.18 -5.39
C CYS A 2 1.81 -5.51 -5.71
N ILE A 3 1.16 -5.02 -4.70
CA ILE A 3 -0.09 -4.33 -4.85
C ILE A 3 0.21 -2.91 -5.28
N ALA A 4 -0.33 -2.54 -6.43
CA ALA A 4 -0.14 -1.22 -6.97
C ALA A 4 -0.81 -0.21 -6.08
N THR A 5 -0.23 0.94 -5.98
CA THR A 5 -0.76 1.95 -5.13
C THR A 5 -2.10 2.45 -5.63
N GLY A 6 -3.03 2.56 -4.71
CA GLY A 6 -4.38 2.88 -5.05
C GLY A 6 -5.29 1.68 -4.85
N SER A 7 -4.71 0.50 -4.91
CA SER A 7 -5.47 -0.73 -4.75
C SER A 7 -5.49 -1.13 -3.25
N PHE A 8 -6.47 -1.95 -2.89
CA PHE A 8 -6.65 -2.45 -1.53
C PHE A 8 -5.49 -3.30 -1.07
N CYS A 9 -5.03 -3.06 0.13
CA CYS A 9 -3.99 -3.85 0.72
C CYS A 9 -4.53 -4.51 1.96
N THR A 10 -3.97 -5.60 2.34
CA THR A 10 -4.26 -6.17 3.60
C THR A 10 -3.17 -5.75 4.59
N LEU A 11 -1.95 -5.68 4.07
CA LEU A 11 -0.78 -5.30 4.83
C LEU A 11 0.04 -4.34 3.98
N SER A 12 0.76 -3.44 4.63
CA SER A 12 1.60 -2.43 3.99
C SER A 12 2.67 -3.06 3.08
N LYS A 13 3.16 -4.20 3.50
CA LYS A 13 4.26 -4.90 2.84
C LYS A 13 3.86 -5.41 1.47
N GLY A 14 2.60 -5.63 1.33
CA GLY A 14 2.05 -6.10 0.07
C GLY A 14 2.13 -5.05 -1.02
N CYS A 15 2.13 -3.80 -0.61
CA CYS A 15 2.14 -2.68 -1.52
C CYS A 15 3.49 -2.51 -2.18
N CYS A 16 3.49 -2.00 -3.41
CA CYS A 16 4.73 -1.74 -4.15
C CYS A 16 5.58 -0.68 -3.42
N THR A 17 4.92 0.30 -2.81
CA THR A 17 5.64 1.34 -2.06
C THR A 17 5.98 0.87 -0.66
N LYS A 18 5.47 -0.31 -0.29
CA LYS A 18 5.62 -0.89 1.05
C LYS A 18 4.91 -0.04 2.10
N ASN A 19 4.02 0.82 1.65
CA ASN A 19 3.29 1.71 2.52
C ASN A 19 1.82 1.61 2.20
N CYS A 20 1.02 1.43 3.20
CA CYS A 20 -0.40 1.38 3.04
C CYS A 20 -0.99 2.13 4.20
N GLY A 21 -2.11 2.78 3.99
CA GLY A 21 -2.69 3.53 5.07
C GLY A 21 -3.80 2.78 5.75
N TRP A 22 -4.46 3.44 6.68
CA TRP A 22 -5.58 2.85 7.40
C TRP A 22 -6.82 2.83 6.52
N ASN A 23 -6.69 3.42 5.36
CA ASN A 23 -7.70 3.41 4.32
C ASN A 23 -7.67 2.07 3.60
N PHE A 24 -6.61 1.30 3.88
CA PHE A 24 -6.38 -0.03 3.30
C PHE A 24 -6.14 0.01 1.82
N LYS A 25 -5.57 1.10 1.39
CA LYS A 25 -5.16 1.27 0.05
C LYS A 25 -3.70 1.61 0.08
N CYS A 26 -2.96 1.05 -0.83
CA CYS A 26 -1.54 1.27 -0.90
C CYS A 26 -1.25 2.71 -1.25
N ASN A 27 -0.48 3.37 -0.43
CA ASN A 27 -0.24 4.80 -0.54
C ASN A 27 1.23 5.07 -0.77
N HYP A 28 1.57 6.22 -1.38
CA HYP A 28 2.97 6.61 -1.52
C HYP A 28 3.52 7.01 -0.14
O HYP A 28 2.77 7.44 0.73
CB HYP A 28 2.93 7.84 -2.45
CG HYP A 28 1.49 8.07 -2.78
CD HYP A 28 0.69 7.34 -1.75
OD1 HYP A 28 1.16 7.53 -4.04
HA HYP A 28 3.57 5.82 -1.94
HB2 HYP A 28 3.50 7.64 -3.34
HB3 HYP A 28 3.35 8.69 -1.94
HG HYP A 28 1.28 9.13 -2.81
HD22 HYP A 28 -0.23 6.97 -2.19
HD23 HYP A 28 0.49 7.97 -0.91
HD1 HYP A 28 1.68 6.72 -4.10
N HYP A 29 4.82 6.83 0.12
CA HYP A 29 5.41 7.21 1.43
C HYP A 29 5.32 8.72 1.66
O HYP A 29 5.91 9.51 0.93
CB HYP A 29 6.87 6.77 1.30
CG HYP A 29 6.94 6.00 0.03
CD HYP A 29 5.89 6.58 -0.85
OD1 HYP A 29 6.59 4.65 0.25
HA HYP A 29 4.93 6.68 2.24
HB2 HYP A 29 7.15 6.15 2.14
HB3 HYP A 29 7.51 7.63 1.26
HG HYP A 29 7.94 6.02 -0.39
HD22 HYP A 29 5.58 5.86 -1.59
HD23 HYP A 29 6.24 7.50 -1.30
HD1 HYP A 29 5.64 4.63 0.13
N ASN A 30 4.57 9.11 2.65
CA ASN A 30 4.37 10.52 2.99
C ASN A 30 5.17 10.94 4.20
N GLN A 31 6.28 10.28 4.45
CA GLN A 31 7.12 10.66 5.55
C GLN A 31 8.22 11.58 5.05
N GLY A 1 3.52 -10.07 -7.92
CA GLY A 1 4.39 -8.91 -7.75
C GLY A 1 3.98 -8.16 -6.53
N CYS A 2 3.87 -6.87 -6.64
CA CYS A 2 3.44 -6.07 -5.54
C CYS A 2 2.10 -5.44 -5.85
N ILE A 3 1.39 -5.04 -4.84
CA ILE A 3 0.11 -4.42 -4.98
C ILE A 3 0.29 -2.96 -5.36
N ALA A 4 -0.28 -2.61 -6.50
CA ALA A 4 -0.18 -1.27 -7.05
C ALA A 4 -0.83 -0.27 -6.12
N THR A 5 -0.29 0.92 -6.07
CA THR A 5 -0.80 1.92 -5.19
C THR A 5 -2.23 2.32 -5.53
N GLY A 6 -3.05 2.42 -4.52
CA GLY A 6 -4.45 2.69 -4.71
C GLY A 6 -5.30 1.48 -4.48
N SER A 7 -4.74 0.31 -4.76
CA SER A 7 -5.44 -0.93 -4.60
C SER A 7 -5.65 -1.24 -3.11
N PHE A 8 -6.58 -2.14 -2.84
CA PHE A 8 -6.95 -2.53 -1.49
C PHE A 8 -5.79 -3.25 -0.80
N CYS A 9 -5.36 -2.72 0.29
CA CYS A 9 -4.30 -3.33 1.04
C CYS A 9 -4.71 -3.64 2.46
N THR A 10 -4.17 -4.71 2.98
CA THR A 10 -4.33 -5.08 4.36
C THR A 10 -2.96 -5.31 5.02
N LEU A 11 -1.93 -5.32 4.18
CA LEU A 11 -0.55 -5.55 4.60
C LEU A 11 0.35 -4.58 3.86
N SER A 12 1.17 -3.87 4.59
CA SER A 12 2.03 -2.83 4.03
C SER A 12 3.04 -3.38 3.05
N LYS A 13 3.65 -4.49 3.39
CA LYS A 13 4.68 -5.09 2.56
C LYS A 13 4.15 -5.69 1.25
N GLY A 14 2.85 -5.73 1.10
CA GLY A 14 2.26 -6.19 -0.12
C GLY A 14 2.26 -5.10 -1.16
N CYS A 15 2.22 -3.88 -0.70
CA CYS A 15 2.18 -2.70 -1.56
C CYS A 15 3.52 -2.42 -2.19
N CYS A 16 3.51 -1.94 -3.42
CA CYS A 16 4.73 -1.58 -4.12
C CYS A 16 5.53 -0.50 -3.39
N THR A 17 4.83 0.45 -2.77
CA THR A 17 5.49 1.48 -1.99
C THR A 17 5.88 0.99 -0.61
N LYS A 18 5.48 -0.25 -0.28
CA LYS A 18 5.67 -0.88 1.03
C LYS A 18 4.89 -0.13 2.12
N ASN A 19 3.98 0.74 1.69
CA ASN A 19 3.18 1.55 2.59
C ASN A 19 1.69 1.34 2.33
N CYS A 20 1.02 0.87 3.33
CA CYS A 20 -0.42 0.65 3.28
C CYS A 20 -1.06 1.52 4.31
N GLY A 21 -2.17 2.11 3.99
CA GLY A 21 -2.80 2.96 4.93
C GLY A 21 -4.03 2.34 5.54
N TRP A 22 -4.54 3.00 6.56
CA TRP A 22 -5.77 2.62 7.23
C TRP A 22 -6.98 2.91 6.34
N ASN A 23 -6.71 3.51 5.21
CA ASN A 23 -7.68 3.84 4.19
C ASN A 23 -7.85 2.65 3.26
N PHE A 24 -7.07 1.58 3.55
CA PHE A 24 -7.10 0.32 2.83
C PHE A 24 -6.56 0.46 1.43
N LYS A 25 -5.73 1.44 1.23
CA LYS A 25 -5.11 1.64 -0.04
C LYS A 25 -3.63 1.77 0.11
N CYS A 26 -2.93 1.18 -0.80
CA CYS A 26 -1.50 1.32 -0.86
C CYS A 26 -1.18 2.78 -1.17
N ASN A 27 -0.54 3.43 -0.27
CA ASN A 27 -0.32 4.86 -0.34
C ASN A 27 1.10 5.16 -0.76
N HYP A 28 1.36 6.39 -1.22
CA HYP A 28 2.72 6.83 -1.53
C HYP A 28 3.58 6.92 -0.25
O HYP A 28 3.06 6.81 0.86
CB HYP A 28 2.50 8.22 -2.15
CG HYP A 28 1.12 8.13 -2.71
CD HYP A 28 0.36 7.37 -1.70
OD1 HYP A 28 1.11 7.37 -3.91
HA HYP A 28 3.22 6.18 -2.24
HB2 HYP A 28 3.21 8.41 -2.94
HB3 HYP A 28 2.57 8.98 -1.39
HG HYP A 28 0.72 9.11 -2.93
HD22 HYP A 28 -0.48 6.86 -2.16
HD23 HYP A 28 0.02 8.01 -0.90
HD1 HYP A 28 0.20 7.43 -4.21
N HYP A 29 4.89 7.14 -0.36
CA HYP A 29 5.75 7.11 0.82
C HYP A 29 5.88 8.49 1.48
O HYP A 29 6.88 8.79 2.16
CB HYP A 29 7.10 6.67 0.23
CG HYP A 29 6.94 6.78 -1.27
CD HYP A 29 5.68 7.52 -1.51
OD1 HYP A 29 6.76 5.49 -1.84
HA HYP A 29 5.42 6.39 1.55
HB2 HYP A 29 7.28 5.65 0.53
HB3 HYP A 29 7.90 7.31 0.60
HG HYP A 29 7.82 7.22 -1.72
HD22 HYP A 29 5.21 7.22 -2.43
HD23 HYP A 29 5.88 8.59 -1.50
HD1 HYP A 29 6.34 5.70 -2.69
N ASN A 30 4.86 9.30 1.32
CA ASN A 30 4.88 10.67 1.86
C ASN A 30 4.40 10.63 3.29
N GLN A 31 3.41 9.80 3.52
CA GLN A 31 2.80 9.61 4.80
C GLN A 31 2.56 8.13 4.99
N GLY A 1 3.93 -10.68 -7.29
CA GLY A 1 3.92 -9.27 -7.66
C GLY A 1 3.43 -8.42 -6.52
N CYS A 2 3.81 -7.15 -6.53
CA CYS A 2 3.42 -6.26 -5.47
C CYS A 2 2.06 -5.65 -5.76
N ILE A 3 1.43 -5.14 -4.74
CA ILE A 3 0.15 -4.51 -4.86
C ILE A 3 0.37 -3.06 -5.25
N ALA A 4 -0.19 -2.69 -6.39
CA ALA A 4 -0.06 -1.36 -6.94
C ALA A 4 -0.70 -0.35 -6.02
N THR A 5 -0.20 0.84 -6.05
CA THR A 5 -0.72 1.85 -5.21
C THR A 5 -2.08 2.32 -5.69
N GLY A 6 -2.99 2.45 -4.76
CA GLY A 6 -4.35 2.75 -5.08
C GLY A 6 -5.23 1.56 -4.82
N SER A 7 -4.65 0.37 -4.89
CA SER A 7 -5.37 -0.86 -4.68
C SER A 7 -5.63 -1.08 -3.19
N PHE A 8 -6.58 -1.96 -2.91
CA PHE A 8 -6.95 -2.34 -1.56
C PHE A 8 -5.80 -3.12 -0.90
N CYS A 9 -5.37 -2.68 0.25
CA CYS A 9 -4.33 -3.36 0.96
C CYS A 9 -4.68 -3.54 2.41
N THR A 10 -4.26 -4.64 2.94
CA THR A 10 -4.36 -4.91 4.31
C THR A 10 -2.95 -4.97 4.94
N LEU A 11 -1.96 -5.29 4.12
CA LEU A 11 -0.59 -5.41 4.57
C LEU A 11 0.31 -4.49 3.76
N SER A 12 1.10 -3.69 4.46
CA SER A 12 2.00 -2.73 3.83
C SER A 12 3.04 -3.42 2.97
N LYS A 13 3.42 -4.61 3.42
CA LYS A 13 4.43 -5.46 2.77
C LYS A 13 4.07 -5.72 1.32
N GLY A 14 2.79 -5.88 1.10
CA GLY A 14 2.28 -6.19 -0.21
C GLY A 14 2.41 -5.06 -1.20
N CYS A 15 2.21 -3.84 -0.73
CA CYS A 15 2.23 -2.65 -1.57
C CYS A 15 3.59 -2.44 -2.22
N CYS A 16 3.59 -1.98 -3.46
CA CYS A 16 4.82 -1.67 -4.18
C CYS A 16 5.61 -0.57 -3.47
N THR A 17 4.91 0.38 -2.85
CA THR A 17 5.57 1.41 -2.06
C THR A 17 5.89 0.92 -0.66
N LYS A 18 5.31 -0.23 -0.30
CA LYS A 18 5.34 -0.79 1.03
C LYS A 18 4.70 0.15 2.05
N ASN A 19 3.87 1.03 1.56
CA ASN A 19 3.17 1.99 2.39
C ASN A 19 1.67 1.75 2.21
N CYS A 20 1.06 1.23 3.22
CA CYS A 20 -0.36 0.92 3.20
C CYS A 20 -0.99 1.58 4.39
N GLY A 21 -2.10 2.24 4.20
CA GLY A 21 -2.72 2.91 5.30
C GLY A 21 -3.95 2.20 5.80
N TRP A 22 -4.57 2.77 6.84
CA TRP A 22 -5.80 2.25 7.39
C TRP A 22 -6.99 2.65 6.52
N ASN A 23 -6.68 3.29 5.41
CA ASN A 23 -7.64 3.66 4.39
C ASN A 23 -7.81 2.46 3.47
N PHE A 24 -6.99 1.43 3.74
CA PHE A 24 -6.98 0.17 3.02
C PHE A 24 -6.59 0.35 1.58
N LYS A 25 -5.72 1.30 1.35
CA LYS A 25 -5.23 1.60 0.04
C LYS A 25 -3.74 1.76 0.11
N CYS A 26 -3.03 1.21 -0.86
CA CYS A 26 -1.61 1.38 -0.94
C CYS A 26 -1.33 2.82 -1.30
N ASN A 27 -0.56 3.46 -0.51
CA ASN A 27 -0.34 4.89 -0.61
C ASN A 27 1.07 5.16 -1.08
N HYP A 28 1.29 6.28 -1.78
CA HYP A 28 2.61 6.72 -2.17
C HYP A 28 3.43 7.13 -0.94
O HYP A 28 2.82 7.47 0.11
CB HYP A 28 2.29 7.91 -3.07
CG HYP A 28 1.09 7.44 -3.79
CD HYP A 28 0.28 6.69 -2.78
OD1 HYP A 28 1.45 6.54 -4.81
HA HYP A 28 3.17 5.97 -2.72
HB2 HYP A 28 3.11 8.11 -3.74
HB3 HYP A 28 2.09 8.78 -2.45
HG HYP A 28 0.58 8.29 -4.24
HD22 HYP A 28 -0.18 5.83 -3.24
HD23 HYP A 28 -0.46 7.33 -2.34
HD1 HYP A 28 0.65 6.52 -5.37
N HYP A 29 4.77 7.07 -1.00
CA HYP A 29 5.63 7.31 0.15
C HYP A 29 5.38 8.67 0.82
O HYP A 29 5.45 9.72 0.15
CB HYP A 29 7.05 7.23 -0.43
CG HYP A 29 6.84 7.01 -1.91
CD HYP A 29 5.48 7.50 -2.21
OD1 HYP A 29 6.86 5.63 -2.21
HA HYP A 29 5.50 6.52 0.89
HB2 HYP A 29 7.59 6.41 0.02
HB3 HYP A 29 7.57 8.15 -0.25
HG HYP A 29 7.63 7.47 -2.48
HD22 HYP A 29 5.07 7.03 -3.09
HD23 HYP A 29 5.48 8.57 -2.30
HD1 HYP A 29 6.34 5.59 -3.02
N ASN A 30 5.07 8.65 2.09
CA ASN A 30 4.80 9.88 2.82
C ASN A 30 5.47 9.85 4.19
N GLN A 31 6.16 8.77 4.47
CA GLN A 31 6.79 8.58 5.74
C GLN A 31 8.30 8.61 5.58
N GLY A 1 3.78 -10.28 -7.83
CA GLY A 1 4.11 -8.86 -7.95
C GLY A 1 3.65 -8.12 -6.73
N CYS A 2 3.82 -6.83 -6.72
CA CYS A 2 3.40 -6.03 -5.61
C CYS A 2 2.05 -5.39 -5.91
N ILE A 3 1.38 -4.92 -4.89
CA ILE A 3 0.10 -4.29 -5.06
C ILE A 3 0.32 -2.83 -5.44
N ALA A 4 -0.17 -2.48 -6.61
CA ALA A 4 -0.07 -1.12 -7.11
C ALA A 4 -0.82 -0.19 -6.19
N THR A 5 -0.32 1.00 -6.04
CA THR A 5 -0.88 1.91 -5.10
C THR A 5 -2.27 2.38 -5.52
N GLY A 6 -3.15 2.48 -4.56
CA GLY A 6 -4.53 2.81 -4.85
C GLY A 6 -5.41 1.60 -4.72
N SER A 7 -4.82 0.44 -4.80
CA SER A 7 -5.55 -0.80 -4.67
C SER A 7 -5.67 -1.18 -3.20
N PHE A 8 -6.59 -2.09 -2.90
CA PHE A 8 -6.87 -2.54 -1.56
C PHE A 8 -5.67 -3.27 -0.96
N CYS A 9 -5.31 -2.89 0.23
CA CYS A 9 -4.22 -3.52 0.92
C CYS A 9 -4.65 -3.97 2.31
N THR A 10 -3.96 -4.94 2.83
CA THR A 10 -4.14 -5.39 4.17
C THR A 10 -2.85 -5.19 4.97
N LEU A 11 -1.73 -5.34 4.29
CA LEU A 11 -0.41 -5.24 4.90
C LEU A 11 0.50 -4.41 4.01
N SER A 12 1.36 -3.63 4.64
CA SER A 12 2.28 -2.74 3.97
C SER A 12 3.22 -3.47 3.00
N LYS A 13 3.56 -4.69 3.37
CA LYS A 13 4.49 -5.56 2.64
C LYS A 13 4.01 -5.81 1.24
N GLY A 14 2.72 -5.93 1.11
CA GLY A 14 2.12 -6.22 -0.17
C GLY A 14 2.20 -5.07 -1.15
N CYS A 15 2.20 -3.87 -0.64
CA CYS A 15 2.19 -2.68 -1.45
C CYS A 15 3.55 -2.43 -2.08
N CYS A 16 3.54 -1.93 -3.33
CA CYS A 16 4.79 -1.59 -4.03
C CYS A 16 5.58 -0.52 -3.27
N THR A 17 4.86 0.40 -2.65
CA THR A 17 5.48 1.45 -1.89
C THR A 17 5.78 1.04 -0.46
N LYS A 18 5.44 -0.22 -0.12
CA LYS A 18 5.59 -0.76 1.24
C LYS A 18 4.76 0.00 2.26
N ASN A 19 3.80 0.75 1.79
CA ASN A 19 2.96 1.52 2.68
C ASN A 19 1.49 1.30 2.40
N CYS A 20 0.86 0.63 3.33
CA CYS A 20 -0.55 0.38 3.28
C CYS A 20 -1.19 1.35 4.23
N GLY A 21 -2.08 2.15 3.74
CA GLY A 21 -2.67 3.15 4.56
C GLY A 21 -3.81 2.62 5.39
N TRP A 22 -4.31 3.45 6.29
CA TRP A 22 -5.42 3.08 7.12
C TRP A 22 -6.72 3.25 6.35
N ASN A 23 -6.58 3.70 5.12
CA ASN A 23 -7.66 3.88 4.19
C ASN A 23 -7.84 2.60 3.38
N PHE A 24 -7.08 1.56 3.75
CA PHE A 24 -7.14 0.23 3.12
C PHE A 24 -6.65 0.26 1.68
N LYS A 25 -5.84 1.24 1.36
CA LYS A 25 -5.26 1.37 0.06
C LYS A 25 -3.77 1.53 0.18
N CYS A 26 -3.05 0.97 -0.76
CA CYS A 26 -1.63 1.17 -0.84
C CYS A 26 -1.34 2.61 -1.18
N ASN A 27 -0.53 3.25 -0.38
CA ASN A 27 -0.27 4.65 -0.51
C ASN A 27 1.22 4.87 -0.60
N HYP A 28 1.67 5.92 -1.26
CA HYP A 28 3.09 6.26 -1.28
C HYP A 28 3.48 6.94 0.03
O HYP A 28 2.60 7.26 0.85
CB HYP A 28 3.21 7.24 -2.47
CG HYP A 28 1.89 7.12 -3.17
CD HYP A 28 0.91 6.85 -2.12
OD1 HYP A 28 1.90 6.02 -4.05
HA HYP A 28 3.73 5.40 -1.43
HB2 HYP A 28 4.02 6.96 -3.12
HB3 HYP A 28 3.37 8.25 -2.10
HG HYP A 28 1.68 8.01 -3.76
HD22 HYP A 28 0.03 6.36 -2.54
HD23 HYP A 28 0.65 7.75 -1.59
HD1 HYP A 28 0.97 5.99 -4.34
N HYP A 29 4.77 7.18 0.29
CA HYP A 29 5.17 7.78 1.56
C HYP A 29 4.91 9.28 1.56
O HYP A 29 5.76 10.09 1.18
CB HYP A 29 6.66 7.46 1.69
CG HYP A 29 6.93 6.53 0.55
CD HYP A 29 5.98 6.92 -0.51
OD1 HYP A 29 6.60 5.20 0.92
HA HYP A 29 4.61 7.32 2.37
HB2 HYP A 29 6.86 6.99 2.64
HB3 HYP A 29 7.24 8.37 1.60
HG HYP A 29 7.98 6.56 0.25
HD22 HYP A 29 5.81 6.13 -1.21
HD23 HYP A 29 6.32 7.82 -1.01
HD1 HYP A 29 6.50 4.77 0.06
N ASN A 30 3.68 9.62 1.89
CA ASN A 30 3.24 10.99 1.95
C ASN A 30 2.39 11.13 3.21
N GLN A 31 3.06 11.21 4.33
CA GLN A 31 2.41 11.40 5.59
C GLN A 31 3.06 12.56 6.31
N GLY A 1 4.60 -10.20 -8.06
CA GLY A 1 4.54 -8.76 -8.26
C GLY A 1 4.15 -8.08 -6.99
N CYS A 2 4.11 -6.78 -7.00
CA CYS A 2 3.72 -6.03 -5.85
C CYS A 2 2.38 -5.37 -6.10
N ILE A 3 1.64 -5.14 -5.05
CA ILE A 3 0.34 -4.51 -5.15
C ILE A 3 0.51 -3.03 -5.42
N ALA A 4 -0.19 -2.54 -6.40
CA ALA A 4 -0.15 -1.15 -6.78
C ALA A 4 -0.85 -0.30 -5.74
N THR A 5 -0.38 0.89 -5.59
CA THR A 5 -0.95 1.80 -4.69
C THR A 5 -2.28 2.29 -5.24
N GLY A 6 -3.23 2.47 -4.37
CA GLY A 6 -4.57 2.76 -4.78
C GLY A 6 -5.45 1.55 -4.60
N SER A 7 -4.84 0.38 -4.68
CA SER A 7 -5.54 -0.85 -4.49
C SER A 7 -5.63 -1.18 -3.00
N PHE A 8 -6.53 -2.07 -2.66
CA PHE A 8 -6.78 -2.46 -1.29
C PHE A 8 -5.60 -3.23 -0.72
N CYS A 9 -5.21 -2.87 0.47
CA CYS A 9 -4.13 -3.53 1.13
C CYS A 9 -4.57 -4.18 2.43
N THR A 10 -4.06 -5.36 2.65
CA THR A 10 -4.22 -6.05 3.89
C THR A 10 -2.90 -5.95 4.66
N LEU A 11 -1.82 -6.13 3.92
CA LEU A 11 -0.48 -6.08 4.44
C LEU A 11 0.32 -5.08 3.63
N SER A 12 0.98 -4.16 4.31
CA SER A 12 1.72 -3.07 3.70
C SER A 12 2.86 -3.57 2.81
N LYS A 13 3.46 -4.66 3.23
CA LYS A 13 4.63 -5.24 2.57
C LYS A 13 4.28 -5.75 1.19
N GLY A 14 3.03 -6.05 1.02
CA GLY A 14 2.52 -6.54 -0.24
C GLY A 14 2.51 -5.48 -1.34
N CYS A 15 2.48 -4.23 -0.95
CA CYS A 15 2.42 -3.16 -1.90
C CYS A 15 3.79 -2.69 -2.33
N CYS A 16 3.85 -2.16 -3.54
CA CYS A 16 5.10 -1.66 -4.12
C CYS A 16 5.79 -0.61 -3.23
N THR A 17 5.02 0.37 -2.71
CA THR A 17 5.61 1.42 -1.88
C THR A 17 5.82 0.95 -0.45
N LYS A 18 5.23 -0.21 -0.13
CA LYS A 18 5.25 -0.83 1.22
C LYS A 18 4.43 0.02 2.21
N ASN A 19 3.64 0.94 1.68
CA ASN A 19 2.88 1.87 2.50
C ASN A 19 1.37 1.66 2.36
N CYS A 20 0.79 0.98 3.32
CA CYS A 20 -0.64 0.76 3.38
C CYS A 20 -1.26 1.83 4.27
N GLY A 21 -2.21 2.56 3.74
CA GLY A 21 -2.77 3.66 4.47
C GLY A 21 -3.94 3.29 5.35
N TRP A 22 -4.43 4.28 6.10
CA TRP A 22 -5.55 4.13 7.02
C TRP A 22 -6.87 3.87 6.30
N ASN A 23 -6.85 4.06 5.01
CA ASN A 23 -8.01 3.90 4.16
C ASN A 23 -8.00 2.52 3.52
N PHE A 24 -7.03 1.70 3.94
CA PHE A 24 -6.84 0.33 3.43
C PHE A 24 -6.49 0.31 1.96
N LYS A 25 -5.90 1.37 1.52
CA LYS A 25 -5.36 1.45 0.20
C LYS A 25 -3.91 1.82 0.35
N CYS A 26 -3.08 1.29 -0.48
CA CYS A 26 -1.70 1.66 -0.44
C CYS A 26 -1.47 3.03 -1.02
N ASN A 27 -0.58 3.74 -0.40
CA ASN A 27 -0.28 5.12 -0.72
C ASN A 27 1.18 5.25 -1.04
N HYP A 28 1.58 6.35 -1.68
CA HYP A 28 3.00 6.63 -1.91
C HYP A 28 3.68 6.88 -0.56
O HYP A 28 3.07 7.45 0.35
CB HYP A 28 2.98 7.87 -2.81
CG HYP A 28 1.66 7.78 -3.47
CD HYP A 28 0.74 7.32 -2.41
OD1 HYP A 28 1.67 6.78 -4.49
HA HYP A 28 3.52 5.80 -2.39
HB2 HYP A 28 3.78 7.84 -3.53
HB3 HYP A 28 3.06 8.75 -2.20
HG HYP A 28 1.39 8.72 -3.93
HD22 HYP A 28 -0.12 6.83 -2.84
HD23 HYP A 28 0.44 8.14 -1.78
HD1 HYP A 28 0.73 6.63 -4.67
N HYP A 29 4.93 6.41 -0.39
CA HYP A 29 5.63 6.45 0.89
C HYP A 29 5.79 7.87 1.45
O HYP A 29 6.47 8.72 0.88
CB HYP A 29 7.00 5.89 0.51
CG HYP A 29 7.09 6.05 -1.00
CD HYP A 29 5.87 6.77 -1.43
OD1 HYP A 29 7.05 4.80 -1.63
HA HYP A 29 5.19 5.80 1.62
HB2 HYP A 29 7.06 4.86 0.82
HB3 HYP A 29 7.74 6.48 1.03
HG HYP A 29 8.01 6.53 -1.29
HD22 HYP A 29 5.52 6.44 -2.40
HD23 HYP A 29 6.05 7.85 -1.44
HD1 HYP A 29 6.66 5.03 -2.49
N ASN A 30 5.15 8.10 2.56
CA ASN A 30 5.22 9.37 3.22
C ASN A 30 5.25 9.12 4.71
N GLN A 31 4.20 8.54 5.22
CA GLN A 31 4.09 8.17 6.62
C GLN A 31 3.62 6.73 6.70
N GLY A 1 4.29 -10.72 -6.03
CA GLY A 1 3.91 -9.51 -6.76
C GLY A 1 3.29 -8.50 -5.83
N CYS A 2 3.74 -7.27 -5.92
CA CYS A 2 3.25 -6.22 -5.06
C CYS A 2 1.92 -5.64 -5.56
N ILE A 3 1.18 -5.07 -4.64
CA ILE A 3 -0.07 -4.44 -4.94
C ILE A 3 0.23 -3.02 -5.39
N ALA A 4 -0.25 -2.69 -6.57
CA ALA A 4 -0.05 -1.37 -7.12
C ALA A 4 -0.81 -0.34 -6.31
N THR A 5 -0.25 0.81 -6.19
CA THR A 5 -0.85 1.84 -5.41
C THR A 5 -2.15 2.32 -6.02
N GLY A 6 -3.12 2.49 -5.18
CA GLY A 6 -4.45 2.82 -5.63
C GLY A 6 -5.39 1.67 -5.32
N SER A 7 -4.83 0.49 -5.20
CA SER A 7 -5.62 -0.67 -4.87
C SER A 7 -5.65 -0.88 -3.35
N PHE A 8 -6.60 -1.68 -2.91
CA PHE A 8 -6.78 -2.05 -1.50
C PHE A 8 -5.58 -2.86 -1.01
N CYS A 9 -5.23 -2.72 0.23
CA CYS A 9 -4.12 -3.44 0.80
C CYS A 9 -4.51 -4.10 2.11
N THR A 10 -3.93 -5.25 2.36
CA THR A 10 -4.12 -5.93 3.59
C THR A 10 -2.87 -5.76 4.47
N LEU A 11 -1.72 -5.83 3.84
CA LEU A 11 -0.43 -5.75 4.51
C LEU A 11 0.41 -4.65 3.87
N SER A 12 1.26 -4.01 4.67
CA SER A 12 2.12 -2.94 4.17
C SER A 12 3.16 -3.49 3.22
N LYS A 13 3.64 -4.69 3.53
CA LYS A 13 4.61 -5.37 2.71
C LYS A 13 4.03 -5.89 1.40
N GLY A 14 2.75 -5.68 1.22
CA GLY A 14 2.11 -6.08 0.01
C GLY A 14 2.16 -5.00 -1.02
N CYS A 15 2.20 -3.78 -0.56
CA CYS A 15 2.19 -2.63 -1.45
C CYS A 15 3.53 -2.39 -2.10
N CYS A 16 3.51 -1.94 -3.34
CA CYS A 16 4.74 -1.61 -4.07
C CYS A 16 5.48 -0.43 -3.38
N THR A 17 4.72 0.48 -2.77
CA THR A 17 5.32 1.59 -2.01
C THR A 17 5.68 1.19 -0.59
N LYS A 18 5.26 -0.02 -0.20
CA LYS A 18 5.44 -0.55 1.17
C LYS A 18 4.59 0.21 2.20
N ASN A 19 3.68 1.04 1.72
CA ASN A 19 2.83 1.80 2.61
C ASN A 19 1.37 1.45 2.39
N CYS A 20 0.77 0.92 3.41
CA CYS A 20 -0.62 0.57 3.43
C CYS A 20 -1.25 1.47 4.47
N GLY A 21 -2.12 2.35 4.06
CA GLY A 21 -2.69 3.29 4.99
C GLY A 21 -3.84 2.71 5.77
N TRP A 22 -4.38 3.47 6.72
CA TRP A 22 -5.52 3.03 7.47
C TRP A 22 -6.79 3.17 6.62
N ASN A 23 -6.61 3.71 5.42
CA ASN A 23 -7.66 3.76 4.39
C ASN A 23 -7.70 2.41 3.68
N PHE A 24 -6.67 1.60 3.99
CA PHE A 24 -6.47 0.27 3.45
C PHE A 24 -6.27 0.27 1.96
N LYS A 25 -5.51 1.22 1.52
CA LYS A 25 -5.11 1.32 0.17
C LYS A 25 -3.62 1.54 0.15
N CYS A 26 -2.98 1.07 -0.87
CA CYS A 26 -1.57 1.28 -1.01
C CYS A 26 -1.32 2.72 -1.38
N ASN A 27 -0.66 3.42 -0.50
CA ASN A 27 -0.44 4.85 -0.64
C ASN A 27 1.05 5.09 -0.79
N HYP A 28 1.46 6.24 -1.31
CA HYP A 28 2.89 6.63 -1.32
C HYP A 28 3.33 6.98 0.12
O HYP A 28 2.47 7.12 0.99
CB HYP A 28 2.92 7.88 -2.24
CG HYP A 28 1.60 7.89 -2.91
CD HYP A 28 0.64 7.31 -1.93
OD1 HYP A 28 1.60 7.04 -4.06
HA HYP A 28 3.55 5.84 -1.68
HB2 HYP A 28 3.73 7.78 -2.96
HB3 HYP A 28 3.07 8.75 -1.64
HG HYP A 28 1.35 8.89 -3.24
HD22 HYP A 28 -0.22 6.89 -2.43
HD23 HYP A 28 0.34 8.06 -1.21
HD1 HYP A 28 0.67 6.79 -4.15
N HYP A 29 4.65 7.09 0.41
CA HYP A 29 5.08 7.42 1.79
C HYP A 29 4.55 8.78 2.22
O HYP A 29 4.90 9.83 1.62
CB HYP A 29 6.62 7.45 1.69
CG HYP A 29 6.92 6.94 0.32
CD HYP A 29 5.76 7.32 -0.52
OD1 HYP A 29 7.00 5.52 0.33
HA HYP A 29 4.76 6.66 2.49
HB2 HYP A 29 7.05 6.81 2.45
HB3 HYP A 29 6.97 8.46 1.82
HG HYP A 29 7.87 7.32 -0.04
HD22 HYP A 29 5.66 6.67 -1.38
HD23 HYP A 29 5.81 8.35 -0.81
HD1 HYP A 29 6.47 5.28 -0.45
N ASN A 30 3.70 8.77 3.21
CA ASN A 30 3.06 10.00 3.69
C ASN A 30 2.61 9.84 5.13
N GLN A 31 2.08 8.67 5.47
CA GLN A 31 1.62 8.38 6.82
C GLN A 31 2.82 8.13 7.69
N GLY A 1 5.80 -9.26 -7.98
CA GLY A 1 4.40 -8.81 -8.01
C GLY A 1 4.02 -8.16 -6.71
N CYS A 2 3.58 -6.94 -6.77
CA CYS A 2 3.17 -6.20 -5.59
C CYS A 2 1.82 -5.53 -5.82
N ILE A 3 1.20 -5.06 -4.76
CA ILE A 3 -0.05 -4.35 -4.89
C ILE A 3 0.25 -2.91 -5.25
N ALA A 4 -0.25 -2.51 -6.38
CA ALA A 4 -0.07 -1.16 -6.86
C ALA A 4 -0.80 -0.19 -5.93
N THR A 5 -0.29 0.98 -5.80
CA THR A 5 -0.86 1.94 -4.92
C THR A 5 -2.20 2.43 -5.44
N GLY A 6 -3.14 2.57 -4.54
CA GLY A 6 -4.49 2.93 -4.90
C GLY A 6 -5.39 1.72 -4.77
N SER A 7 -4.78 0.56 -4.80
CA SER A 7 -5.49 -0.67 -4.66
C SER A 7 -5.53 -1.07 -3.18
N PHE A 8 -6.50 -1.90 -2.83
CA PHE A 8 -6.73 -2.38 -1.47
C PHE A 8 -5.56 -3.25 -1.01
N CYS A 9 -5.12 -3.05 0.20
CA CYS A 9 -4.01 -3.80 0.74
C CYS A 9 -4.50 -4.57 1.94
N THR A 10 -3.79 -5.59 2.31
CA THR A 10 -4.07 -6.24 3.55
C THR A 10 -2.92 -5.99 4.51
N LEU A 11 -1.74 -5.79 3.96
CA LEU A 11 -0.53 -5.49 4.68
C LEU A 11 0.23 -4.46 3.88
N SER A 12 0.95 -3.58 4.54
CA SER A 12 1.72 -2.56 3.89
C SER A 12 2.82 -3.15 3.02
N LYS A 13 3.38 -4.25 3.46
CA LYS A 13 4.47 -4.91 2.76
C LYS A 13 4.04 -5.56 1.44
N GLY A 14 2.74 -5.62 1.21
CA GLY A 14 2.25 -6.19 -0.03
C GLY A 14 2.25 -5.14 -1.11
N CYS A 15 2.27 -3.91 -0.68
CA CYS A 15 2.23 -2.78 -1.57
C CYS A 15 3.58 -2.55 -2.21
N CYS A 16 3.57 -2.04 -3.43
CA CYS A 16 4.78 -1.72 -4.15
C CYS A 16 5.61 -0.66 -3.41
N THR A 17 4.93 0.30 -2.79
CA THR A 17 5.62 1.33 -2.01
C THR A 17 5.97 0.84 -0.61
N LYS A 18 5.47 -0.36 -0.27
CA LYS A 18 5.62 -0.98 1.05
C LYS A 18 4.87 -0.16 2.11
N ASN A 19 3.96 0.67 1.65
CA ASN A 19 3.21 1.54 2.52
C ASN A 19 1.72 1.43 2.23
N CYS A 20 0.94 1.27 3.27
CA CYS A 20 -0.50 1.24 3.16
C CYS A 20 -1.05 2.09 4.29
N GLY A 21 -2.15 2.77 4.06
CA GLY A 21 -2.70 3.62 5.08
C GLY A 21 -3.96 3.08 5.69
N TRP A 22 -4.63 3.89 6.53
CA TRP A 22 -5.86 3.52 7.23
C TRP A 22 -7.02 3.38 6.23
N ASN A 23 -6.79 3.81 5.03
CA ASN A 23 -7.75 3.78 3.95
C ASN A 23 -7.80 2.38 3.34
N PHE A 24 -6.95 1.48 3.87
CA PHE A 24 -6.86 0.08 3.43
C PHE A 24 -6.34 -0.02 2.02
N LYS A 25 -5.66 1.00 1.59
CA LYS A 25 -5.13 1.04 0.26
C LYS A 25 -3.67 1.38 0.31
N CYS A 26 -2.94 0.84 -0.63
CA CYS A 26 -1.54 1.09 -0.76
C CYS A 26 -1.32 2.53 -1.13
N ASN A 27 -0.44 3.18 -0.43
CA ASN A 27 -0.22 4.61 -0.59
C ASN A 27 1.25 4.87 -0.83
N HYP A 28 1.59 5.99 -1.48
CA HYP A 28 2.98 6.44 -1.72
C HYP A 28 3.84 6.39 -0.43
O HYP A 28 3.31 6.66 0.66
CB HYP A 28 2.78 7.86 -2.20
CG HYP A 28 1.50 7.79 -2.97
CD HYP A 28 0.64 6.79 -2.28
OD1 HYP A 28 1.75 7.32 -4.29
HA HYP A 28 3.47 5.85 -2.48
HB2 HYP A 28 3.61 8.17 -2.82
HB3 HYP A 28 2.70 8.53 -1.35
HG HYP A 28 1.07 8.77 -3.06
HD22 HYP A 28 0.16 6.15 -3.01
HD23 HYP A 28 -0.10 7.26 -1.66
HD1 HYP A 28 0.85 7.28 -4.68
N HYP A 29 5.14 6.04 -0.55
CA HYP A 29 6.04 5.88 0.61
C HYP A 29 6.06 7.14 1.50
O HYP A 29 6.43 8.24 1.06
CB HYP A 29 7.40 5.66 -0.06
CG HYP A 29 7.22 6.08 -1.50
CD HYP A 29 5.88 6.71 -1.61
OD1 HYP A 29 7.22 4.95 -2.36
HA HYP A 29 5.78 5.02 1.20
HB2 HYP A 29 7.68 4.62 0.02
HB3 HYP A 29 8.15 6.27 0.44
HG HYP A 29 8.03 6.72 -1.82
HD22 HYP A 29 5.42 6.51 -2.57
HD23 HYP A 29 5.94 7.76 -1.41
HD1 HYP A 29 6.56 5.20 -3.02
N ASN A 30 5.66 6.96 2.73
CA ASN A 30 5.56 8.03 3.68
C ASN A 30 5.74 7.47 5.06
N GLN A 31 6.73 7.93 5.74
CA GLN A 31 7.02 7.48 7.08
C GLN A 31 6.51 8.53 8.05
N GLY A 1 3.26 -9.74 -8.65
CA GLY A 1 3.89 -8.48 -8.33
C GLY A 1 3.38 -7.95 -7.02
N CYS A 2 3.59 -6.69 -6.77
CA CYS A 2 3.16 -6.05 -5.54
C CYS A 2 1.77 -5.44 -5.68
N ILE A 3 1.19 -5.04 -4.58
CA ILE A 3 -0.09 -4.38 -4.61
C ILE A 3 0.13 -2.95 -5.04
N ALA A 4 -0.46 -2.60 -6.16
CA ALA A 4 -0.33 -1.29 -6.75
C ALA A 4 -0.91 -0.24 -5.83
N THR A 5 -0.44 0.96 -5.94
CA THR A 5 -0.88 1.98 -5.07
C THR A 5 -2.26 2.48 -5.49
N GLY A 6 -3.12 2.61 -4.52
CA GLY A 6 -4.50 2.90 -4.78
C GLY A 6 -5.35 1.63 -4.72
N SER A 7 -4.69 0.49 -4.66
CA SER A 7 -5.37 -0.79 -4.54
C SER A 7 -5.53 -1.15 -3.07
N PHE A 8 -6.50 -2.01 -2.78
CA PHE A 8 -6.81 -2.42 -1.41
C PHE A 8 -5.68 -3.29 -0.84
N CYS A 9 -5.26 -2.97 0.35
CA CYS A 9 -4.18 -3.68 0.98
C CYS A 9 -4.49 -4.10 2.41
N THR A 10 -4.07 -5.30 2.74
CA THR A 10 -4.07 -5.77 4.11
C THR A 10 -2.63 -6.14 4.52
N LEU A 11 -1.73 -6.03 3.56
CA LEU A 11 -0.31 -6.28 3.76
C LEU A 11 0.49 -5.10 3.25
N SER A 12 1.09 -4.36 4.14
CA SER A 12 1.82 -3.16 3.82
C SER A 12 3.04 -3.44 2.96
N LYS A 13 3.71 -4.53 3.23
CA LYS A 13 4.89 -4.94 2.48
C LYS A 13 4.49 -5.54 1.18
N GLY A 14 3.23 -5.82 1.12
CA GLY A 14 2.61 -6.29 -0.09
C GLY A 14 2.49 -5.17 -1.08
N CYS A 15 2.28 -3.97 -0.57
CA CYS A 15 2.21 -2.76 -1.36
C CYS A 15 3.54 -2.49 -2.00
N CYS A 16 3.50 -1.99 -3.21
CA CYS A 16 4.71 -1.63 -3.93
C CYS A 16 5.53 -0.61 -3.15
N THR A 17 4.86 0.38 -2.57
CA THR A 17 5.51 1.43 -1.82
C THR A 17 5.79 1.03 -0.37
N LYS A 18 5.42 -0.20 0.00
CA LYS A 18 5.56 -0.77 1.37
C LYS A 18 4.72 0.01 2.39
N ASN A 19 3.81 0.82 1.89
CA ASN A 19 2.97 1.67 2.72
C ASN A 19 1.50 1.42 2.42
N CYS A 20 0.82 0.81 3.36
CA CYS A 20 -0.60 0.57 3.24
C CYS A 20 -1.29 1.62 4.09
N GLY A 21 -2.16 2.38 3.49
CA GLY A 21 -2.77 3.47 4.17
C GLY A 21 -3.92 3.07 5.06
N TRP A 22 -4.28 3.97 5.94
CA TRP A 22 -5.39 3.83 6.88
C TRP A 22 -6.72 3.61 6.15
N ASN A 23 -6.79 4.04 4.91
CA ASN A 23 -7.98 3.92 4.10
C ASN A 23 -8.08 2.52 3.49
N PHE A 24 -7.06 1.69 3.79
CA PHE A 24 -6.93 0.31 3.33
C PHE A 24 -6.44 0.23 1.90
N LYS A 25 -5.82 1.30 1.42
CA LYS A 25 -5.22 1.28 0.10
C LYS A 25 -3.77 1.72 0.18
N CYS A 26 -2.95 1.16 -0.66
CA CYS A 26 -1.53 1.44 -0.67
C CYS A 26 -1.26 2.89 -1.06
N ASN A 27 -0.41 3.54 -0.28
CA ASN A 27 -0.08 4.96 -0.46
C ASN A 27 1.40 5.13 -0.71
N HYP A 28 1.82 6.25 -1.32
CA HYP A 28 3.25 6.51 -1.60
C HYP A 28 4.06 6.72 -0.31
O HYP A 28 3.48 6.95 0.77
CB HYP A 28 3.21 7.79 -2.45
CG HYP A 28 1.84 7.82 -2.99
CD HYP A 28 0.98 7.32 -1.89
OD1 HYP A 28 1.71 6.89 -4.07
HA HYP A 28 3.71 5.70 -2.15
HB2 HYP A 28 3.94 7.72 -3.24
HB3 HYP A 28 3.42 8.64 -1.83
HG HYP A 28 1.58 8.79 -3.35
HD22 HYP A 28 0.06 6.93 -2.27
HD23 HYP A 28 0.80 8.11 -1.16
HD1 HYP A 28 0.77 6.70 -4.11
N HYP A 29 5.40 6.60 -0.39
CA HYP A 29 6.25 6.81 0.79
C HYP A 29 6.31 8.29 1.19
O HYP A 29 6.99 9.10 0.53
CB HYP A 29 7.64 6.33 0.31
CG HYP A 29 7.45 5.92 -1.11
CD HYP A 29 6.24 6.64 -1.58
OD1 HYP A 29 7.14 4.54 -1.17
HA HYP A 29 5.92 6.21 1.62
HB2 HYP A 29 7.96 5.50 0.92
HB3 HYP A 29 8.35 7.13 0.40
HG HYP A 29 8.34 6.08 -1.69
HD22 HYP A 29 5.77 6.12 -2.40
HD23 HYP A 29 6.49 7.66 -1.85
HD1 HYP A 29 6.29 4.51 -0.72
N ASN A 30 5.57 8.64 2.21
CA ASN A 30 5.54 10.00 2.69
C ASN A 30 6.20 10.11 4.06
N GLN A 31 6.54 8.97 4.62
CA GLN A 31 7.22 8.91 5.88
C GLN A 31 8.69 8.67 5.65
N GLY A 1 3.24 -8.51 -9.45
CA GLY A 1 4.23 -8.54 -8.39
C GLY A 1 3.68 -8.04 -7.08
N CYS A 2 3.82 -6.77 -6.85
CA CYS A 2 3.36 -6.14 -5.63
C CYS A 2 1.98 -5.51 -5.84
N ILE A 3 1.32 -5.10 -4.77
CA ILE A 3 0.03 -4.47 -4.88
C ILE A 3 0.22 -3.02 -5.33
N ALA A 4 -0.40 -2.69 -6.46
CA ALA A 4 -0.29 -1.36 -7.05
C ALA A 4 -0.85 -0.31 -6.12
N THR A 5 -0.39 0.91 -6.26
CA THR A 5 -0.82 1.93 -5.38
C THR A 5 -2.24 2.36 -5.74
N GLY A 6 -3.01 2.69 -4.73
CA GLY A 6 -4.39 3.02 -4.92
C GLY A 6 -5.26 1.79 -4.78
N SER A 7 -4.66 0.62 -4.90
CA SER A 7 -5.38 -0.62 -4.80
C SER A 7 -5.55 -1.03 -3.33
N PHE A 8 -6.49 -1.92 -3.06
CA PHE A 8 -6.81 -2.37 -1.71
C PHE A 8 -5.68 -3.24 -1.15
N CYS A 9 -5.30 -2.98 0.06
CA CYS A 9 -4.29 -3.74 0.74
C CYS A 9 -4.67 -3.96 2.18
N THR A 10 -4.18 -5.02 2.75
CA THR A 10 -4.39 -5.26 4.15
C THR A 10 -3.08 -5.12 4.92
N LEU A 11 -1.97 -5.54 4.31
CA LEU A 11 -0.69 -5.48 4.94
C LEU A 11 0.27 -4.66 4.09
N SER A 12 0.99 -3.77 4.74
CA SER A 12 1.85 -2.80 4.10
C SER A 12 2.94 -3.37 3.19
N LYS A 13 3.57 -4.47 3.60
CA LYS A 13 4.69 -5.04 2.84
C LYS A 13 4.27 -5.58 1.45
N GLY A 14 2.97 -5.73 1.25
CA GLY A 14 2.46 -6.23 -0.01
C GLY A 14 2.41 -5.15 -1.06
N CYS A 15 2.33 -3.92 -0.61
CA CYS A 15 2.24 -2.79 -1.51
C CYS A 15 3.56 -2.52 -2.21
N CYS A 16 3.49 -1.98 -3.41
CA CYS A 16 4.69 -1.61 -4.17
C CYS A 16 5.45 -0.49 -3.46
N THR A 17 4.73 0.36 -2.75
CA THR A 17 5.34 1.43 -2.00
C THR A 17 5.70 0.99 -0.57
N LYS A 18 5.30 -0.25 -0.23
CA LYS A 18 5.47 -0.81 1.14
C LYS A 18 4.66 0.00 2.16
N ASN A 19 3.76 0.81 1.65
CA ASN A 19 2.97 1.69 2.45
C ASN A 19 1.49 1.43 2.20
N CYS A 20 0.82 1.01 3.23
CA CYS A 20 -0.59 0.70 3.18
C CYS A 20 -1.24 1.45 4.33
N GLY A 21 -2.10 2.38 4.01
CA GLY A 21 -2.68 3.24 5.01
C GLY A 21 -3.86 2.65 5.71
N TRP A 22 -4.42 3.42 6.64
CA TRP A 22 -5.59 3.04 7.40
C TRP A 22 -6.85 3.04 6.50
N ASN A 23 -6.66 3.53 5.30
CA ASN A 23 -7.67 3.57 4.27
C ASN A 23 -7.71 2.25 3.53
N PHE A 24 -6.73 1.38 3.86
CA PHE A 24 -6.58 0.05 3.29
C PHE A 24 -6.26 0.11 1.80
N LYS A 25 -5.50 1.13 1.43
CA LYS A 25 -5.04 1.28 0.08
C LYS A 25 -3.57 1.57 0.11
N CYS A 26 -2.87 1.11 -0.90
CA CYS A 26 -1.46 1.31 -1.01
C CYS A 26 -1.20 2.76 -1.35
N ASN A 27 -0.59 3.44 -0.44
CA ASN A 27 -0.38 4.86 -0.55
C ASN A 27 1.07 5.13 -0.87
N HYP A 28 1.39 6.23 -1.54
CA HYP A 28 2.78 6.60 -1.83
C HYP A 28 3.52 6.95 -0.52
O HYP A 28 2.88 7.37 0.44
CB HYP A 28 2.64 7.83 -2.72
CG HYP A 28 1.34 8.42 -2.31
CD HYP A 28 0.44 7.26 -2.02
OD1 HYP A 28 0.76 9.17 -3.35
HA HYP A 28 3.31 5.81 -2.34
HB2 HYP A 28 2.63 7.55 -3.76
HB3 HYP A 28 3.46 8.52 -2.54
HG HYP A 28 1.49 9.09 -1.47
HD22 HYP A 28 -0.06 6.94 -2.92
HD23 HYP A 28 -0.28 7.52 -1.26
HD1 HYP A 28 0.27 9.86 -2.86
N HYP A 29 4.84 6.71 -0.44
CA HYP A 29 5.59 7.03 0.78
C HYP A 29 5.51 8.51 1.11
O HYP A 29 5.86 9.38 0.30
CB HYP A 29 7.04 6.63 0.42
CG HYP A 29 6.90 5.97 -0.92
CD HYP A 29 5.76 6.64 -1.57
OD1 HYP A 29 6.53 4.63 -0.74
HA HYP A 29 5.24 6.45 1.62
HB2 HYP A 29 7.43 5.95 1.15
HB3 HYP A 29 7.65 7.52 0.37
HG HYP A 29 7.84 5.99 -1.47
HD22 HYP A 29 5.37 6.05 -2.37
HD23 HYP A 29 6.06 7.63 -1.91
HD1 HYP A 29 5.62 4.73 -0.46
N ASN A 30 4.96 8.81 2.25
CA ASN A 30 4.81 10.17 2.72
C ASN A 30 5.43 10.30 4.06
N GLN A 31 4.97 9.51 4.98
CA GLN A 31 5.45 9.50 6.32
C GLN A 31 5.88 8.11 6.67
N GLY A 1 5.05 -10.00 -7.38
CA GLY A 1 4.37 -8.75 -7.69
C GLY A 1 4.07 -7.98 -6.43
N CYS A 2 3.59 -6.78 -6.58
CA CYS A 2 3.25 -5.95 -5.47
C CYS A 2 1.89 -5.35 -5.68
N ILE A 3 1.26 -4.91 -4.62
CA ILE A 3 -0.01 -4.28 -4.69
C ILE A 3 0.17 -2.85 -5.16
N ALA A 4 -0.41 -2.57 -6.30
CA ALA A 4 -0.34 -1.26 -6.91
C ALA A 4 -0.98 -0.23 -6.01
N THR A 5 -0.39 0.92 -5.94
CA THR A 5 -0.85 1.95 -5.08
C THR A 5 -2.23 2.45 -5.51
N GLY A 6 -3.09 2.63 -4.55
CA GLY A 6 -4.46 2.97 -4.82
C GLY A 6 -5.34 1.74 -4.70
N SER A 7 -4.74 0.57 -4.74
CA SER A 7 -5.47 -0.68 -4.59
C SER A 7 -5.50 -1.10 -3.12
N PHE A 8 -6.48 -1.93 -2.78
CA PHE A 8 -6.68 -2.43 -1.41
C PHE A 8 -5.52 -3.30 -0.93
N CYS A 9 -5.14 -3.11 0.30
CA CYS A 9 -4.07 -3.86 0.91
C CYS A 9 -4.42 -4.29 2.32
N THR A 10 -4.05 -5.49 2.66
CA THR A 10 -4.21 -5.97 4.01
C THR A 10 -2.83 -6.04 4.68
N LEU A 11 -1.80 -6.05 3.86
CA LEU A 11 -0.44 -6.12 4.32
C LEU A 11 0.35 -4.99 3.69
N SER A 12 1.03 -4.23 4.53
CA SER A 12 1.84 -3.11 4.10
C SER A 12 2.95 -3.57 3.17
N LYS A 13 3.51 -4.72 3.52
CA LYS A 13 4.59 -5.40 2.81
C LYS A 13 4.22 -5.55 1.34
N GLY A 14 2.97 -5.91 1.11
CA GLY A 14 2.46 -6.18 -0.22
C GLY A 14 2.50 -4.99 -1.16
N CYS A 15 2.31 -3.80 -0.64
CA CYS A 15 2.28 -2.59 -1.45
C CYS A 15 3.59 -2.36 -2.18
N CYS A 16 3.51 -1.82 -3.38
CA CYS A 16 4.71 -1.47 -4.14
C CYS A 16 5.55 -0.43 -3.40
N THR A 17 4.88 0.47 -2.68
CA THR A 17 5.54 1.46 -1.85
C THR A 17 5.78 0.92 -0.43
N LYS A 18 5.28 -0.31 -0.19
CA LYS A 18 5.26 -0.95 1.13
C LYS A 18 4.62 -0.06 2.19
N ASN A 19 3.73 0.80 1.71
CA ASN A 19 3.03 1.75 2.53
C ASN A 19 1.54 1.58 2.30
N CYS A 20 0.90 0.89 3.21
CA CYS A 20 -0.52 0.65 3.16
C CYS A 20 -1.16 1.64 4.13
N GLY A 21 -2.13 2.39 3.67
CA GLY A 21 -2.65 3.44 4.50
C GLY A 21 -3.88 3.10 5.29
N TRP A 22 -4.36 4.09 6.03
CA TRP A 22 -5.54 4.00 6.88
C TRP A 22 -6.81 3.69 6.07
N ASN A 23 -6.75 3.98 4.80
CA ASN A 23 -7.86 3.78 3.88
C ASN A 23 -7.83 2.37 3.34
N PHE A 24 -6.89 1.57 3.85
CA PHE A 24 -6.70 0.17 3.49
C PHE A 24 -6.26 0.04 2.05
N LYS A 25 -5.69 1.10 1.53
CA LYS A 25 -5.17 1.11 0.20
C LYS A 25 -3.73 1.57 0.25
N CYS A 26 -2.96 1.12 -0.69
CA CYS A 26 -1.57 1.45 -0.73
C CYS A 26 -1.40 2.90 -1.13
N ASN A 27 -0.63 3.62 -0.37
CA ASN A 27 -0.47 5.05 -0.56
C ASN A 27 0.84 5.37 -1.27
N HYP A 28 1.10 6.66 -1.58
CA HYP A 28 2.34 7.13 -2.20
C HYP A 28 3.56 6.82 -1.32
O HYP A 28 3.42 6.33 -0.18
CB HYP A 28 2.10 8.63 -2.30
CG HYP A 28 0.63 8.76 -2.54
CD HYP A 28 -0.02 7.56 -1.93
OD1 HYP A 28 0.35 8.74 -3.92
HA HYP A 28 2.48 6.71 -3.19
HB2 HYP A 28 2.67 9.04 -3.11
HB3 HYP A 28 2.39 9.11 -1.36
HG HYP A 28 0.28 9.71 -2.15
HD22 HYP A 28 -0.67 7.09 -2.65
HD23 HYP A 28 -0.58 7.85 -1.05
HD1 HYP A 28 -0.43 9.32 -3.99
N HYP A 29 4.78 7.10 -1.77
CA HYP A 29 5.93 6.78 -0.94
C HYP A 29 6.11 7.79 0.20
O HYP A 29 6.48 8.95 -0.02
CB HYP A 29 7.13 6.80 -1.91
CG HYP A 29 6.54 7.20 -3.23
CD HYP A 29 5.23 7.85 -2.94
OD1 HYP A 29 6.28 6.05 -4.03
HA HYP A 29 5.80 5.80 -0.51
HB2 HYP A 29 7.56 5.81 -1.97
HB3 HYP A 29 7.85 7.51 -1.57
HG HYP A 29 7.23 7.82 -3.78
HD22 HYP A 29 4.55 7.73 -3.77
HD23 HYP A 29 5.37 8.89 -2.71
HD1 HYP A 29 5.31 5.98 -4.03
N ASN A 30 5.81 7.35 1.39
CA ASN A 30 5.86 8.21 2.58
C ASN A 30 6.98 7.77 3.49
N GLN A 31 7.56 6.64 3.18
CA GLN A 31 8.65 6.10 3.93
C GLN A 31 9.94 6.49 3.25
N GLY A 1 2.53 -9.11 -9.46
CA GLY A 1 3.62 -8.40 -8.79
C GLY A 1 3.19 -7.94 -7.43
N CYS A 2 3.52 -6.71 -7.10
CA CYS A 2 3.17 -6.12 -5.82
C CYS A 2 1.82 -5.41 -5.92
N ILE A 3 1.25 -5.02 -4.78
CA ILE A 3 -0.01 -4.34 -4.80
C ILE A 3 0.20 -2.89 -5.20
N ALA A 4 -0.38 -2.53 -6.32
CA ALA A 4 -0.25 -1.20 -6.87
C ALA A 4 -0.86 -0.17 -5.96
N THR A 5 -0.33 1.02 -5.99
CA THR A 5 -0.81 2.05 -5.14
C THR A 5 -2.18 2.52 -5.58
N GLY A 6 -3.07 2.64 -4.65
CA GLY A 6 -4.43 2.93 -4.95
C GLY A 6 -5.30 1.71 -4.82
N SER A 7 -4.67 0.54 -4.80
CA SER A 7 -5.39 -0.71 -4.65
C SER A 7 -5.50 -1.08 -3.16
N PHE A 8 -6.45 -1.94 -2.86
CA PHE A 8 -6.76 -2.38 -1.51
C PHE A 8 -5.62 -3.24 -0.94
N CYS A 9 -5.25 -2.95 0.27
CA CYS A 9 -4.21 -3.67 0.95
C CYS A 9 -4.59 -3.94 2.40
N THR A 10 -4.07 -5.01 2.92
CA THR A 10 -4.20 -5.30 4.32
C THR A 10 -2.82 -5.26 4.96
N LEU A 11 -1.81 -5.67 4.22
CA LEU A 11 -0.46 -5.73 4.72
C LEU A 11 0.43 -4.77 3.95
N SER A 12 1.22 -4.02 4.68
CA SER A 12 2.09 -2.99 4.15
C SER A 12 3.13 -3.51 3.14
N LYS A 13 3.78 -4.62 3.47
CA LYS A 13 4.80 -5.19 2.60
C LYS A 13 4.26 -5.75 1.29
N GLY A 14 2.96 -5.80 1.15
CA GLY A 14 2.36 -6.26 -0.09
C GLY A 14 2.35 -5.14 -1.13
N CYS A 15 2.27 -3.92 -0.64
CA CYS A 15 2.23 -2.75 -1.49
C CYS A 15 3.57 -2.51 -2.15
N CYS A 16 3.54 -1.95 -3.35
CA CYS A 16 4.77 -1.62 -4.06
C CYS A 16 5.56 -0.54 -3.31
N THR A 17 4.86 0.40 -2.71
CA THR A 17 5.48 1.46 -1.92
C THR A 17 5.86 0.99 -0.52
N LYS A 18 5.43 -0.23 -0.19
CA LYS A 18 5.62 -0.86 1.12
C LYS A 18 4.82 -0.10 2.21
N ASN A 19 3.87 0.71 1.77
CA ASN A 19 3.06 1.52 2.67
C ASN A 19 1.59 1.31 2.39
N CYS A 20 0.88 0.81 3.37
CA CYS A 20 -0.54 0.56 3.27
C CYS A 20 -1.24 1.59 4.15
N GLY A 21 -2.20 2.30 3.60
CA GLY A 21 -2.85 3.35 4.34
C GLY A 21 -3.96 2.81 5.23
N TRP A 22 -4.46 3.68 6.11
CA TRP A 22 -5.53 3.31 7.03
C TRP A 22 -6.87 3.27 6.29
N ASN A 23 -6.81 3.65 5.03
CA ASN A 23 -7.94 3.64 4.13
C ASN A 23 -7.98 2.31 3.40
N PHE A 24 -7.06 1.42 3.79
CA PHE A 24 -6.93 0.08 3.24
C PHE A 24 -6.46 0.11 1.78
N LYS A 25 -5.79 1.17 1.40
CA LYS A 25 -5.25 1.28 0.06
C LYS A 25 -3.77 1.59 0.15
N CYS A 26 -3.00 1.13 -0.80
CA CYS A 26 -1.58 1.36 -0.80
C CYS A 26 -1.29 2.82 -1.11
N ASN A 27 -0.54 3.46 -0.23
CA ASN A 27 -0.20 4.89 -0.30
C ASN A 27 1.28 5.03 -0.58
N HYP A 28 1.74 6.20 -1.07
CA HYP A 28 3.19 6.46 -1.32
C HYP A 28 3.99 6.32 -0.02
O HYP A 28 3.48 6.64 1.06
CB HYP A 28 3.20 7.91 -1.84
CG HYP A 28 1.81 8.15 -2.29
CD HYP A 28 0.96 7.43 -1.33
OD1 HYP A 28 1.59 7.58 -3.58
HA HYP A 28 3.62 5.79 -2.05
HB2 HYP A 28 3.89 8.00 -2.66
HB3 HYP A 28 3.48 8.58 -1.05
HG HYP A 28 1.61 9.21 -2.36
HD22 HYP A 28 0.00 7.18 -1.76
HD23 HYP A 28 0.83 8.01 -0.42
HD1 HYP A 28 0.64 7.40 -3.61
N HYP A 29 5.27 5.83 -0.11
CA HYP A 29 6.11 5.54 1.06
C HYP A 29 6.24 6.70 2.04
O HYP A 29 6.36 7.86 1.63
CB HYP A 29 7.48 5.23 0.44
CG HYP A 29 7.37 5.65 -1.00
CD HYP A 29 6.11 6.43 -1.14
OD1 HYP A 29 7.26 4.51 -1.82
HA HYP A 29 5.76 4.66 1.60
HB2 HYP A 29 7.69 4.17 0.52
HB3 HYP A 29 8.24 5.80 0.96
HG HYP A 29 8.26 6.18 -1.30
HD22 HYP A 29 5.68 6.29 -2.12
HD23 HYP A 29 6.28 7.47 -0.94
HD1 HYP A 29 6.65 4.82 -2.52
N ASN A 30 6.22 6.40 3.30
CA ASN A 30 6.33 7.42 4.32
C ASN A 30 7.32 6.96 5.39
N GLN A 31 6.99 5.89 6.09
CA GLN A 31 7.86 5.34 7.11
C GLN A 31 8.53 4.08 6.57
N GLY A 1 4.88 -9.69 -8.20
CA GLY A 1 4.17 -8.44 -8.41
C GLY A 1 3.62 -7.92 -7.12
N CYS A 2 3.87 -6.68 -6.84
CA CYS A 2 3.39 -6.03 -5.66
C CYS A 2 2.00 -5.45 -5.89
N ILE A 3 1.39 -4.96 -4.85
CA ILE A 3 0.10 -4.33 -4.94
C ILE A 3 0.31 -2.87 -5.30
N ALA A 4 -0.28 -2.46 -6.40
CA ALA A 4 -0.14 -1.10 -6.88
C ALA A 4 -0.82 -0.14 -5.95
N THR A 5 -0.31 1.06 -5.89
CA THR A 5 -0.88 2.04 -5.04
C THR A 5 -2.25 2.45 -5.57
N GLY A 6 -3.20 2.58 -4.68
CA GLY A 6 -4.55 2.81 -5.07
C GLY A 6 -5.38 1.55 -4.94
N SER A 7 -4.71 0.42 -4.86
CA SER A 7 -5.38 -0.86 -4.68
C SER A 7 -5.51 -1.20 -3.19
N PHE A 8 -6.41 -2.12 -2.88
CA PHE A 8 -6.72 -2.54 -1.53
C PHE A 8 -5.57 -3.34 -0.91
N CYS A 9 -5.21 -2.99 0.31
CA CYS A 9 -4.16 -3.67 1.02
C CYS A 9 -4.57 -3.91 2.46
N THR A 10 -4.08 -4.98 2.99
CA THR A 10 -4.21 -5.26 4.39
C THR A 10 -2.82 -5.35 5.01
N LEU A 11 -1.83 -5.65 4.18
CA LEU A 11 -0.46 -5.81 4.63
C LEU A 11 0.45 -4.79 3.92
N SER A 12 1.34 -4.17 4.69
CA SER A 12 2.28 -3.18 4.20
C SER A 12 3.18 -3.73 3.09
N LYS A 13 3.74 -4.91 3.34
CA LYS A 13 4.66 -5.60 2.43
C LYS A 13 4.00 -5.98 1.10
N GLY A 14 2.69 -5.85 1.01
CA GLY A 14 2.03 -6.15 -0.22
C GLY A 14 2.18 -5.03 -1.21
N CYS A 15 2.12 -3.83 -0.71
CA CYS A 15 2.16 -2.62 -1.52
C CYS A 15 3.53 -2.41 -2.16
N CYS A 16 3.54 -1.89 -3.37
CA CYS A 16 4.78 -1.55 -4.06
C CYS A 16 5.55 -0.49 -3.29
N THR A 17 4.84 0.47 -2.72
CA THR A 17 5.46 1.48 -1.91
C THR A 17 5.78 0.99 -0.51
N LYS A 18 5.25 -0.20 -0.17
CA LYS A 18 5.33 -0.80 1.17
C LYS A 18 4.51 0.01 2.19
N ASN A 19 3.72 0.94 1.70
CA ASN A 19 2.95 1.82 2.56
C ASN A 19 1.47 1.54 2.39
N CYS A 20 0.92 0.88 3.36
CA CYS A 20 -0.50 0.54 3.37
C CYS A 20 -1.19 1.46 4.36
N GLY A 21 -2.05 2.31 3.86
CA GLY A 21 -2.67 3.32 4.69
C GLY A 21 -3.88 2.84 5.46
N TRP A 22 -4.45 3.75 6.25
CA TRP A 22 -5.63 3.48 7.07
C TRP A 22 -6.90 3.53 6.23
N ASN A 23 -6.71 3.78 4.98
CA ASN A 23 -7.76 3.86 4.00
C ASN A 23 -7.86 2.52 3.28
N PHE A 24 -7.04 1.56 3.75
CA PHE A 24 -6.98 0.20 3.23
C PHE A 24 -6.43 0.15 1.82
N LYS A 25 -5.68 1.17 1.45
CA LYS A 25 -5.09 1.21 0.15
C LYS A 25 -3.63 1.50 0.23
N CYS A 26 -2.92 1.00 -0.74
CA CYS A 26 -1.52 1.25 -0.85
C CYS A 26 -1.32 2.68 -1.26
N ASN A 27 -0.57 3.41 -0.49
CA ASN A 27 -0.38 4.82 -0.71
C ASN A 27 1.10 5.10 -0.90
N HYP A 28 1.47 6.17 -1.60
CA HYP A 28 2.87 6.59 -1.63
C HYP A 28 3.23 7.17 -0.24
O HYP A 28 2.33 7.55 0.52
CB HYP A 28 2.93 7.67 -2.72
CG HYP A 28 1.61 7.59 -3.41
CD HYP A 28 0.63 7.07 -2.41
OD1 HYP A 28 1.66 6.66 -4.50
HA HYP A 28 3.54 5.77 -1.83
HB2 HYP A 28 3.74 7.45 -3.41
HB3 HYP A 28 3.08 8.64 -2.28
HG HYP A 28 1.34 8.55 -3.83
HD22 HYP A 28 -0.16 6.52 -2.89
HD23 HYP A 28 0.24 7.88 -1.81
HD1 HYP A 28 0.93 6.05 -4.34
N HYP A 29 4.49 7.22 0.13
CA HYP A 29 4.84 7.58 1.49
C HYP A 29 5.41 8.97 1.67
O HYP A 29 5.77 9.66 0.72
CB HYP A 29 5.91 6.54 1.85
CG HYP A 29 6.32 5.95 0.53
CD HYP A 29 5.70 6.77 -0.54
OD1 HYP A 29 5.79 4.66 0.41
HA HYP A 29 4.00 7.43 2.17
HB2 HYP A 29 5.50 5.80 2.50
HB3 HYP A 29 6.74 7.04 2.33
HG HYP A 29 7.40 5.87 0.46
HD22 HYP A 29 5.46 6.17 -1.40
HD23 HYP A 29 6.34 7.60 -0.80
HD1 HYP A 29 6.10 4.41 -0.47
N ASN A 30 5.50 9.36 2.90
CA ASN A 30 6.12 10.59 3.32
C ASN A 30 7.31 10.23 4.18
N GLN A 31 7.63 8.95 4.16
CA GLN A 31 8.74 8.41 4.89
C GLN A 31 9.94 8.37 3.97
N GLY A 1 2.71 -9.44 -8.58
CA GLY A 1 3.81 -8.65 -8.04
C GLY A 1 3.36 -7.94 -6.79
N CYS A 2 3.77 -6.71 -6.63
CA CYS A 2 3.38 -5.92 -5.49
C CYS A 2 2.00 -5.33 -5.71
N ILE A 3 1.29 -5.08 -4.61
CA ILE A 3 -0.04 -4.52 -4.69
C ILE A 3 0.06 -3.09 -5.21
N ALA A 4 -0.69 -2.83 -6.28
CA ALA A 4 -0.73 -1.55 -6.94
C ALA A 4 -1.20 -0.48 -5.98
N THR A 5 -0.64 0.68 -6.12
CA THR A 5 -0.98 1.74 -5.26
C THR A 5 -2.32 2.36 -5.62
N GLY A 6 -3.12 2.61 -4.62
CA GLY A 6 -4.46 3.06 -4.84
C GLY A 6 -5.42 1.91 -4.66
N SER A 7 -4.90 0.72 -4.80
CA SER A 7 -5.67 -0.49 -4.65
C SER A 7 -5.71 -0.89 -3.18
N PHE A 8 -6.63 -1.76 -2.84
CA PHE A 8 -6.82 -2.23 -1.48
C PHE A 8 -5.59 -3.00 -1.00
N CYS A 9 -5.17 -2.71 0.21
CA CYS A 9 -4.03 -3.37 0.80
C CYS A 9 -4.43 -4.13 2.04
N THR A 10 -3.83 -5.29 2.22
CA THR A 10 -4.02 -6.07 3.41
C THR A 10 -2.84 -5.87 4.35
N LEU A 11 -1.65 -5.85 3.77
CA LEU A 11 -0.42 -5.67 4.50
C LEU A 11 0.43 -4.62 3.81
N SER A 12 1.18 -3.88 4.61
CA SER A 12 2.04 -2.82 4.13
C SER A 12 3.08 -3.31 3.14
N LYS A 13 3.84 -4.32 3.56
CA LYS A 13 4.91 -4.90 2.75
C LYS A 13 4.39 -5.58 1.46
N GLY A 14 3.08 -5.64 1.30
CA GLY A 14 2.50 -6.20 0.11
C GLY A 14 2.44 -5.16 -0.99
N CYS A 15 2.36 -3.91 -0.58
CA CYS A 15 2.26 -2.80 -1.50
C CYS A 15 3.61 -2.51 -2.11
N CYS A 16 3.62 -1.97 -3.32
CA CYS A 16 4.85 -1.59 -4.00
C CYS A 16 5.62 -0.58 -3.16
N THR A 17 4.90 0.38 -2.63
CA THR A 17 5.46 1.45 -1.84
C THR A 17 5.74 1.01 -0.39
N LYS A 18 5.41 -0.25 -0.09
CA LYS A 18 5.59 -0.85 1.25
C LYS A 18 4.71 -0.15 2.30
N ASN A 19 3.72 0.58 1.83
CA ASN A 19 2.87 1.36 2.70
C ASN A 19 1.40 1.12 2.44
N CYS A 20 0.75 0.57 3.42
CA CYS A 20 -0.67 0.34 3.39
C CYS A 20 -1.30 1.44 4.21
N GLY A 21 -2.23 2.16 3.63
CA GLY A 21 -2.80 3.27 4.32
C GLY A 21 -3.91 2.89 5.27
N TRP A 22 -4.27 3.82 6.13
CA TRP A 22 -5.35 3.67 7.10
C TRP A 22 -6.71 3.47 6.41
N ASN A 23 -6.73 3.81 5.15
CA ASN A 23 -7.91 3.71 4.32
C ASN A 23 -7.89 2.38 3.56
N PHE A 24 -6.89 1.57 3.85
CA PHE A 24 -6.68 0.27 3.23
C PHE A 24 -6.41 0.35 1.75
N LYS A 25 -5.70 1.37 1.37
CA LYS A 25 -5.20 1.50 0.02
C LYS A 25 -3.70 1.62 0.09
N CYS A 26 -3.01 1.06 -0.87
CA CYS A 26 -1.58 1.20 -0.92
C CYS A 26 -1.23 2.63 -1.28
N ASN A 27 -0.52 3.28 -0.41
CA ASN A 27 -0.26 4.69 -0.52
C ASN A 27 1.23 4.93 -0.68
N HYP A 28 1.67 6.14 -1.18
CA HYP A 28 3.12 6.47 -1.32
C HYP A 28 3.91 6.13 -0.04
O HYP A 28 3.39 6.31 1.04
CB HYP A 28 3.12 8.00 -1.57
CG HYP A 28 1.74 8.26 -2.05
CD HYP A 28 0.87 7.38 -1.25
OD1 HYP A 28 1.59 7.87 -3.41
HA HYP A 28 3.57 5.95 -2.16
HB2 HYP A 28 3.85 8.25 -2.31
HB3 HYP A 28 3.32 8.51 -0.65
HG HYP A 28 1.50 9.32 -1.98
HD22 HYP A 28 -0.07 7.20 -1.75
HD23 HYP A 28 0.72 7.81 -0.26
HD1 HYP A 28 1.14 7.02 -3.35
N HYP A 29 5.14 5.61 -0.18
CA HYP A 29 5.93 5.08 0.94
C HYP A 29 6.04 6.04 2.13
O HYP A 29 6.37 7.22 1.98
CB HYP A 29 7.31 4.85 0.32
CG HYP A 29 7.27 5.55 -1.02
CD HYP A 29 6.04 6.39 -1.04
OD1 HYP A 29 7.17 4.61 -2.08
HA HYP A 29 5.52 4.15 1.29
HB2 HYP A 29 7.47 3.79 0.18
HB3 HYP A 29 8.08 5.25 0.95
HG HYP A 29 8.18 6.11 -1.19
HD22 HYP A 29 5.64 6.48 -2.03
HD23 HYP A 29 6.23 7.36 -0.61
HD1 HYP A 29 6.59 5.07 -2.72
N ASN A 30 5.76 5.53 3.29
CA ASN A 30 5.78 6.30 4.51
C ASN A 30 6.66 5.64 5.53
N GLN A 31 7.85 6.16 5.67
CA GLN A 31 8.76 5.67 6.65
C GLN A 31 8.59 6.50 7.90
N GLY A 1 4.38 -10.48 -7.11
CA GLY A 1 4.24 -9.06 -7.44
C GLY A 1 3.88 -8.28 -6.22
N CYS A 2 3.56 -7.02 -6.39
CA CYS A 2 3.18 -6.16 -5.30
C CYS A 2 1.86 -5.50 -5.61
N ILE A 3 1.14 -5.09 -4.60
CA ILE A 3 -0.12 -4.42 -4.78
C ILE A 3 0.12 -3.01 -5.28
N ALA A 4 -0.49 -2.68 -6.41
CA ALA A 4 -0.37 -1.38 -7.04
C ALA A 4 -0.97 -0.32 -6.13
N THR A 5 -0.37 0.83 -6.10
CA THR A 5 -0.79 1.86 -5.20
C THR A 5 -2.15 2.42 -5.59
N GLY A 6 -2.99 2.63 -4.62
CA GLY A 6 -4.33 3.05 -4.85
C GLY A 6 -5.28 1.89 -4.73
N SER A 7 -4.75 0.69 -4.82
CA SER A 7 -5.53 -0.51 -4.72
C SER A 7 -5.59 -0.98 -3.27
N PHE A 8 -6.58 -1.80 -2.97
CA PHE A 8 -6.83 -2.34 -1.64
C PHE A 8 -5.70 -3.26 -1.20
N CYS A 9 -5.25 -3.09 0.01
CA CYS A 9 -4.19 -3.90 0.57
C CYS A 9 -4.71 -4.64 1.78
N THR A 10 -3.97 -5.60 2.24
CA THR A 10 -4.25 -6.21 3.50
C THR A 10 -3.10 -5.91 4.47
N LEU A 11 -1.89 -5.83 3.94
CA LEU A 11 -0.70 -5.45 4.69
C LEU A 11 0.08 -4.42 3.86
N SER A 12 0.69 -3.47 4.54
CA SER A 12 1.47 -2.42 3.90
C SER A 12 2.66 -2.96 3.10
N LYS A 13 3.33 -3.97 3.65
CA LYS A 13 4.52 -4.53 3.04
C LYS A 13 4.23 -5.27 1.71
N GLY A 14 2.95 -5.48 1.42
CA GLY A 14 2.57 -6.14 0.20
C GLY A 14 2.39 -5.14 -0.93
N CYS A 15 2.42 -3.88 -0.57
CA CYS A 15 2.27 -2.81 -1.53
C CYS A 15 3.60 -2.50 -2.19
N CYS A 16 3.54 -2.02 -3.42
CA CYS A 16 4.74 -1.66 -4.17
C CYS A 16 5.58 -0.60 -3.48
N THR A 17 4.95 0.27 -2.73
CA THR A 17 5.63 1.30 -1.98
C THR A 17 5.99 0.84 -0.58
N LYS A 18 5.57 -0.39 -0.22
CA LYS A 18 5.69 -0.95 1.13
C LYS A 18 4.80 -0.16 2.11
N ASN A 19 3.94 0.69 1.57
CA ASN A 19 3.12 1.54 2.39
C ASN A 19 1.66 1.41 2.03
N CYS A 20 0.84 1.26 3.04
CA CYS A 20 -0.60 1.21 2.90
C CYS A 20 -1.15 1.92 4.10
N GLY A 21 -2.12 2.78 3.90
CA GLY A 21 -2.63 3.53 5.02
C GLY A 21 -3.78 2.84 5.72
N TRP A 22 -4.37 3.54 6.69
CA TRP A 22 -5.51 3.05 7.45
C TRP A 22 -6.73 2.94 6.55
N ASN A 23 -6.63 3.54 5.38
CA ASN A 23 -7.66 3.55 4.37
C ASN A 23 -7.74 2.19 3.69
N PHE A 24 -6.72 1.34 3.93
CA PHE A 24 -6.60 0.00 3.36
C PHE A 24 -6.20 0.03 1.90
N LYS A 25 -5.62 1.13 1.47
CA LYS A 25 -5.12 1.23 0.12
C LYS A 25 -3.66 1.64 0.13
N CYS A 26 -2.91 1.05 -0.77
CA CYS A 26 -1.49 1.25 -0.86
C CYS A 26 -1.15 2.68 -1.23
N ASN A 27 -0.46 3.36 -0.34
CA ASN A 27 -0.18 4.77 -0.47
C ASN A 27 1.25 4.96 -0.93
N HYP A 28 1.56 6.12 -1.52
CA HYP A 28 2.92 6.50 -1.93
C HYP A 28 3.83 6.72 -0.70
O HYP A 28 3.35 6.70 0.43
CB HYP A 28 2.66 7.83 -2.65
CG HYP A 28 1.33 7.64 -3.27
CD HYP A 28 0.53 6.82 -2.30
OD1 HYP A 28 1.43 6.91 -4.48
HA HYP A 28 3.40 5.80 -2.59
HB2 HYP A 28 3.42 7.99 -3.41
HB3 HYP A 28 2.67 8.64 -1.94
HG HYP A 28 0.89 8.60 -3.51
HD22 HYP A 28 -0.07 6.11 -2.86
HD23 HYP A 28 -0.09 7.44 -1.68
HD1 HYP A 28 0.51 6.62 -4.63
N HYP A 29 5.15 6.90 -0.89
CA HYP A 29 6.04 7.12 0.24
C HYP A 29 5.83 8.53 0.80
O HYP A 29 6.28 9.52 0.20
CB HYP A 29 7.46 6.96 -0.37
CG HYP A 29 7.21 6.67 -1.82
CD HYP A 29 5.87 7.22 -2.12
OD1 HYP A 29 7.16 5.28 -2.05
HA HYP A 29 5.87 6.40 1.02
HB2 HYP A 29 7.97 6.15 0.12
HB3 HYP A 29 8.01 7.88 -0.23
HG HYP A 29 8.01 7.07 -2.43
HD22 HYP A 29 5.42 6.72 -2.97
HD23 HYP A 29 5.91 8.28 -2.29
HD1 HYP A 29 6.55 5.21 -2.81
N ASN A 30 5.12 8.62 1.89
CA ASN A 30 4.76 9.90 2.47
C ASN A 30 5.59 10.22 3.69
N GLN A 31 6.44 9.29 4.06
CA GLN A 31 7.33 9.46 5.18
C GLN A 31 8.74 9.15 4.75
N GLY A 1 3.69 -10.60 -7.29
CA GLY A 1 3.91 -9.18 -7.53
C GLY A 1 3.34 -8.39 -6.39
N CYS A 2 3.71 -7.14 -6.30
CA CYS A 2 3.24 -6.28 -5.22
C CYS A 2 1.96 -5.57 -5.64
N ILE A 3 1.23 -5.07 -4.68
CA ILE A 3 0.00 -4.36 -4.95
C ILE A 3 0.33 -2.95 -5.37
N ALA A 4 -0.19 -2.56 -6.52
CA ALA A 4 0.02 -1.23 -7.02
C ALA A 4 -0.75 -0.23 -6.19
N THR A 5 -0.24 0.95 -6.12
CA THR A 5 -0.82 1.94 -5.28
C THR A 5 -2.19 2.37 -5.78
N GLY A 6 -3.09 2.53 -4.86
CA GLY A 6 -4.46 2.86 -5.18
C GLY A 6 -5.37 1.71 -4.89
N SER A 7 -4.84 0.50 -4.98
CA SER A 7 -5.62 -0.68 -4.75
C SER A 7 -5.67 -1.03 -3.27
N PHE A 8 -6.66 -1.84 -2.91
CA PHE A 8 -6.90 -2.29 -1.55
C PHE A 8 -5.76 -3.20 -1.06
N CYS A 9 -5.23 -2.87 0.09
CA CYS A 9 -4.15 -3.62 0.68
C CYS A 9 -4.56 -4.17 2.03
N THR A 10 -3.97 -5.26 2.41
CA THR A 10 -4.17 -5.81 3.72
C THR A 10 -2.88 -5.71 4.53
N LEU A 11 -1.77 -5.77 3.82
CA LEU A 11 -0.46 -5.75 4.43
C LEU A 11 0.34 -4.59 3.87
N SER A 12 1.13 -3.98 4.72
CA SER A 12 2.00 -2.88 4.35
C SER A 12 3.01 -3.30 3.29
N LYS A 13 3.73 -4.35 3.62
CA LYS A 13 4.73 -4.96 2.75
C LYS A 13 4.12 -5.53 1.45
N GLY A 14 2.81 -5.59 1.36
CA GLY A 14 2.16 -6.09 0.17
C GLY A 14 2.17 -5.07 -0.94
N CYS A 15 2.19 -3.82 -0.55
CA CYS A 15 2.19 -2.72 -1.49
C CYS A 15 3.56 -2.51 -2.09
N CYS A 16 3.58 -2.05 -3.32
CA CYS A 16 4.83 -1.74 -4.01
C CYS A 16 5.57 -0.59 -3.29
N THR A 17 4.83 0.35 -2.72
CA THR A 17 5.43 1.42 -1.96
C THR A 17 5.70 1.03 -0.50
N LYS A 18 5.33 -0.21 -0.13
CA LYS A 18 5.34 -0.67 1.27
C LYS A 18 4.53 0.25 2.18
N ASN A 19 3.61 0.96 1.57
CA ASN A 19 2.79 1.89 2.28
C ASN A 19 1.34 1.55 2.12
N CYS A 20 0.81 0.87 3.09
CA CYS A 20 -0.57 0.51 3.15
C CYS A 20 -1.18 1.35 4.24
N GLY A 21 -1.98 2.31 3.86
CA GLY A 21 -2.54 3.20 4.83
C GLY A 21 -3.69 2.59 5.57
N TRP A 22 -4.20 3.31 6.55
CA TRP A 22 -5.31 2.87 7.33
C TRP A 22 -6.63 3.15 6.61
N ASN A 23 -6.48 3.66 5.40
CA ASN A 23 -7.57 3.87 4.46
C ASN A 23 -7.77 2.60 3.65
N PHE A 24 -6.90 1.61 3.92
CA PHE A 24 -6.92 0.28 3.32
C PHE A 24 -6.43 0.28 1.87
N LYS A 25 -5.70 1.29 1.50
CA LYS A 25 -5.17 1.37 0.16
C LYS A 25 -3.68 1.58 0.19
N CYS A 26 -3.01 1.11 -0.83
CA CYS A 26 -1.62 1.34 -0.99
C CYS A 26 -1.46 2.79 -1.41
N ASN A 27 -0.74 3.54 -0.63
CA ASN A 27 -0.64 4.98 -0.82
C ASN A 27 0.75 5.34 -1.32
N HYP A 28 0.94 6.58 -1.86
CA HYP A 28 2.25 7.07 -2.32
C HYP A 28 3.31 6.90 -1.24
O HYP A 28 3.03 7.08 -0.06
CB HYP A 28 1.99 8.55 -2.59
CG HYP A 28 0.57 8.59 -2.99
CD HYP A 28 -0.13 7.58 -2.15
OD1 HYP A 28 0.43 8.20 -4.34
HA HYP A 28 2.59 6.57 -3.23
HB2 HYP A 28 2.64 8.91 -3.38
HB3 HYP A 28 2.17 9.12 -1.69
HG HYP A 28 0.18 9.60 -2.91
HD22 HYP A 28 -0.94 7.13 -2.70
HD23 HYP A 28 -0.50 8.04 -1.25
HD1 HYP A 28 -0.52 8.20 -4.48
N HYP A 29 4.54 6.52 -1.62
CA HYP A 29 5.59 6.22 -0.67
C HYP A 29 5.95 7.40 0.26
O HYP A 29 6.40 8.47 -0.20
CB HYP A 29 6.78 5.90 -1.60
CG HYP A 29 6.48 6.63 -2.88
CD HYP A 29 5.11 7.24 -2.76
OD1 HYP A 29 6.45 5.73 -3.98
HA HYP A 29 5.36 5.35 -0.08
HB2 HYP A 29 6.84 4.84 -1.76
HB3 HYP A 29 7.69 6.25 -1.14
HG HYP A 29 7.26 7.35 -3.10
HD22 HYP A 29 4.53 7.08 -3.65
HD23 HYP A 29 5.19 8.31 -2.56
HD1 HYP A 29 5.52 5.69 -4.24
N ASN A 30 5.70 7.24 1.53
CA ASN A 30 6.05 8.28 2.49
C ASN A 30 7.44 8.01 3.01
N GLN A 31 7.87 6.76 2.86
CA GLN A 31 9.17 6.29 3.24
C GLN A 31 9.69 5.37 2.15
N GLY A 1 2.59 -8.29 -9.14
CA GLY A 1 3.27 -8.86 -7.98
C GLY A 1 2.87 -8.14 -6.72
N CYS A 2 3.56 -7.06 -6.43
CA CYS A 2 3.22 -6.22 -5.30
C CYS A 2 1.92 -5.47 -5.61
N ILE A 3 1.21 -5.06 -4.60
CA ILE A 3 -0.03 -4.38 -4.81
C ILE A 3 0.22 -2.94 -5.28
N ALA A 4 -0.36 -2.63 -6.41
CA ALA A 4 -0.25 -1.31 -7.01
C ALA A 4 -0.91 -0.29 -6.11
N THR A 5 -0.39 0.90 -6.09
CA THR A 5 -0.88 1.89 -5.20
C THR A 5 -2.18 2.48 -5.69
N GLY A 6 -3.10 2.63 -4.76
CA GLY A 6 -4.43 3.04 -5.07
C GLY A 6 -5.39 1.88 -4.89
N SER A 7 -4.84 0.68 -4.92
CA SER A 7 -5.63 -0.52 -4.73
C SER A 7 -5.66 -0.93 -3.27
N PHE A 8 -6.60 -1.78 -2.93
CA PHE A 8 -6.83 -2.26 -1.58
C PHE A 8 -5.71 -3.21 -1.14
N CYS A 9 -5.23 -3.02 0.07
CA CYS A 9 -4.16 -3.86 0.60
C CYS A 9 -4.67 -4.61 1.82
N THR A 10 -3.93 -5.59 2.24
CA THR A 10 -4.20 -6.21 3.49
C THR A 10 -3.04 -5.92 4.45
N LEU A 11 -1.83 -5.82 3.89
CA LEU A 11 -0.63 -5.51 4.65
C LEU A 11 0.19 -4.48 3.86
N SER A 12 0.78 -3.52 4.56
CA SER A 12 1.59 -2.45 3.96
C SER A 12 2.73 -2.98 3.08
N LYS A 13 3.42 -3.96 3.60
CA LYS A 13 4.56 -4.57 2.96
C LYS A 13 4.22 -5.35 1.69
N GLY A 14 2.94 -5.50 1.40
CA GLY A 14 2.52 -6.17 0.19
C GLY A 14 2.42 -5.19 -0.96
N CYS A 15 2.32 -3.94 -0.62
CA CYS A 15 2.21 -2.87 -1.58
C CYS A 15 3.56 -2.59 -2.20
N CYS A 16 3.57 -2.09 -3.42
CA CYS A 16 4.80 -1.75 -4.13
C CYS A 16 5.58 -0.66 -3.41
N THR A 17 4.89 0.26 -2.76
CA THR A 17 5.52 1.31 -2.01
C THR A 17 5.88 0.88 -0.59
N LYS A 18 5.52 -0.37 -0.24
CA LYS A 18 5.70 -0.93 1.11
C LYS A 18 4.92 -0.12 2.15
N ASN A 19 3.94 0.62 1.70
CA ASN A 19 3.17 1.46 2.56
C ASN A 19 1.70 1.39 2.20
N CYS A 20 0.89 1.26 3.19
CA CYS A 20 -0.54 1.22 3.04
C CYS A 20 -1.12 1.92 4.23
N GLY A 21 -2.09 2.75 4.02
CA GLY A 21 -2.61 3.53 5.11
C GLY A 21 -3.78 2.88 5.78
N TRP A 22 -4.42 3.60 6.67
CA TRP A 22 -5.55 3.13 7.42
C TRP A 22 -6.81 3.14 6.57
N ASN A 23 -6.66 3.57 5.34
CA ASN A 23 -7.70 3.57 4.33
C ASN A 23 -7.73 2.20 3.64
N PHE A 24 -6.68 1.40 3.91
CA PHE A 24 -6.50 0.05 3.36
C PHE A 24 -6.22 0.07 1.87
N LYS A 25 -5.66 1.15 1.43
CA LYS A 25 -5.23 1.28 0.08
C LYS A 25 -3.74 1.50 0.11
N CYS A 26 -3.04 0.94 -0.84
CA CYS A 26 -1.62 1.12 -0.92
C CYS A 26 -1.31 2.56 -1.24
N ASN A 27 -0.55 3.19 -0.37
CA ASN A 27 -0.29 4.61 -0.46
C ASN A 27 1.19 4.83 -0.65
N HYP A 28 1.60 5.94 -1.27
CA HYP A 28 3.03 6.25 -1.44
C HYP A 28 3.71 6.45 -0.07
O HYP A 28 3.04 6.74 0.92
CB HYP A 28 3.02 7.56 -2.26
CG HYP A 28 1.63 7.64 -2.80
CD HYP A 28 0.76 7.04 -1.76
OD1 HYP A 28 1.50 6.87 -3.97
HA HYP A 28 3.55 5.47 -1.97
HB2 HYP A 28 3.74 7.50 -3.06
HB3 HYP A 28 3.25 8.38 -1.61
HG HYP A 28 1.38 8.66 -3.04
HD22 HYP A 28 -0.14 6.67 -2.21
HD23 HYP A 28 0.55 7.75 -0.98
HD1 HYP A 28 0.75 7.29 -4.42
N HYP A 29 5.07 6.25 0.01
CA HYP A 29 5.82 6.30 1.29
C HYP A 29 5.53 7.56 2.11
O HYP A 29 5.53 8.68 1.59
CB HYP A 29 7.29 6.31 0.83
CG HYP A 29 7.21 5.97 -0.62
CD HYP A 29 5.97 6.60 -1.09
OD1 HYP A 29 7.02 4.57 -0.77
HA HYP A 29 5.64 5.43 1.89
HB2 HYP A 29 7.85 5.57 1.37
HB3 HYP A 29 7.71 7.28 0.99
HG HYP A 29 8.10 6.25 -1.15
HD22 HYP A 29 5.63 6.17 -2.02
HD23 HYP A 29 6.09 7.67 -1.17
HD1 HYP A 29 6.13 4.47 -0.41
N ASN A 30 5.27 7.35 3.37
CA ASN A 30 4.96 8.45 4.27
C ASN A 30 5.93 8.50 5.44
N GLN A 31 6.47 7.36 5.80
CA GLN A 31 7.38 7.30 6.93
C GLN A 31 8.79 7.14 6.42
N GLY A 1 3.37 -10.07 -7.75
CA GLY A 1 4.24 -8.92 -7.50
C GLY A 1 3.79 -8.18 -6.27
N CYS A 2 3.46 -6.93 -6.44
CA CYS A 2 3.05 -6.10 -5.34
C CYS A 2 1.75 -5.40 -5.67
N ILE A 3 1.09 -4.91 -4.67
CA ILE A 3 -0.15 -4.19 -4.86
C ILE A 3 0.16 -2.79 -5.32
N ALA A 4 -0.39 -2.43 -6.46
CA ALA A 4 -0.20 -1.12 -7.04
C ALA A 4 -0.90 -0.09 -6.18
N THR A 5 -0.25 1.02 -5.94
CA THR A 5 -0.77 2.01 -5.06
C THR A 5 -2.09 2.62 -5.55
N GLY A 6 -3.05 2.66 -4.66
CA GLY A 6 -4.39 3.04 -4.98
C GLY A 6 -5.33 1.86 -4.81
N SER A 7 -4.77 0.67 -4.87
CA SER A 7 -5.52 -0.56 -4.74
C SER A 7 -5.57 -1.02 -3.27
N PHE A 8 -6.51 -1.93 -2.99
CA PHE A 8 -6.80 -2.42 -1.64
C PHE A 8 -5.65 -3.22 -1.02
N CYS A 9 -5.31 -2.89 0.20
CA CYS A 9 -4.29 -3.59 0.93
C CYS A 9 -4.70 -3.78 2.38
N THR A 10 -4.10 -4.76 3.02
CA THR A 10 -4.27 -4.99 4.42
C THR A 10 -2.91 -5.04 5.13
N LEU A 11 -1.84 -5.18 4.34
CA LEU A 11 -0.49 -5.31 4.86
C LEU A 11 0.46 -4.41 4.08
N SER A 12 1.34 -3.74 4.81
CA SER A 12 2.28 -2.77 4.28
C SER A 12 3.18 -3.33 3.17
N LYS A 13 3.87 -4.40 3.49
CA LYS A 13 4.83 -5.02 2.58
C LYS A 13 4.19 -5.61 1.30
N GLY A 14 2.87 -5.66 1.26
CA GLY A 14 2.19 -6.15 0.08
C GLY A 14 2.18 -5.10 -1.01
N CYS A 15 2.24 -3.87 -0.59
CA CYS A 15 2.21 -2.73 -1.50
C CYS A 15 3.57 -2.53 -2.13
N CYS A 16 3.59 -2.01 -3.35
CA CYS A 16 4.84 -1.74 -4.05
C CYS A 16 5.68 -0.71 -3.29
N THR A 17 5.02 0.34 -2.78
CA THR A 17 5.69 1.36 -2.01
C THR A 17 5.99 0.90 -0.59
N LYS A 18 5.43 -0.27 -0.24
CA LYS A 18 5.51 -0.87 1.09
C LYS A 18 4.70 -0.05 2.10
N ASN A 19 3.90 0.88 1.59
CA ASN A 19 3.07 1.71 2.41
C ASN A 19 1.61 1.36 2.20
N CYS A 20 1.03 0.76 3.19
CA CYS A 20 -0.36 0.40 3.15
C CYS A 20 -1.08 1.28 4.12
N GLY A 21 -2.11 1.93 3.67
CA GLY A 21 -2.80 2.84 4.51
C GLY A 21 -3.93 2.20 5.24
N TRP A 22 -4.38 2.90 6.27
CA TRP A 22 -5.51 2.50 7.07
C TRP A 22 -6.81 2.82 6.35
N ASN A 23 -6.65 3.34 5.15
CA ASN A 23 -7.72 3.62 4.22
C ASN A 23 -7.89 2.39 3.34
N PHE A 24 -7.09 1.36 3.65
CA PHE A 24 -7.08 0.07 2.98
C PHE A 24 -6.63 0.16 1.54
N LYS A 25 -5.86 1.17 1.26
CA LYS A 25 -5.25 1.33 -0.03
C LYS A 25 -3.78 1.49 0.13
N CYS A 26 -3.04 1.01 -0.82
CA CYS A 26 -1.62 1.22 -0.84
C CYS A 26 -1.36 2.64 -1.22
N ASN A 27 -0.48 3.30 -0.51
CA ASN A 27 -0.23 4.71 -0.73
C ASN A 27 1.26 4.90 -0.87
N HYP A 28 1.71 6.01 -1.43
CA HYP A 28 3.15 6.31 -1.47
C HYP A 28 3.57 6.97 -0.17
O HYP A 28 2.73 7.56 0.53
CB HYP A 28 3.26 7.29 -2.64
CG HYP A 28 2.15 6.88 -3.52
CD HYP A 28 1.02 6.54 -2.62
OD1 HYP A 28 2.48 5.72 -4.24
HA HYP A 28 3.76 5.43 -1.62
HB2 HYP A 28 4.22 7.17 -3.13
HB3 HYP A 28 3.14 8.29 -2.28
HG HYP A 28 1.93 7.67 -4.25
HD22 HYP A 28 0.40 5.79 -3.08
HD23 HYP A 28 0.44 7.42 -2.38
HD1 HYP A 28 2.09 5.85 -5.11
N HYP A 29 4.84 6.84 0.23
CA HYP A 29 5.31 7.45 1.47
C HYP A 29 5.46 8.95 1.29
O HYP A 29 6.48 9.45 0.78
CB HYP A 29 6.69 6.79 1.68
CG HYP A 29 6.96 6.04 0.40
CD HYP A 29 5.99 6.57 -0.61
OD1 HYP A 29 6.68 4.67 0.55
HA HYP A 29 4.66 7.24 2.30
HB2 HYP A 29 6.65 6.11 2.52
HB3 HYP A 29 7.43 7.54 1.86
HG HYP A 29 7.99 6.14 0.10
HD22 HYP A 29 5.76 5.82 -1.35
HD23 HYP A 29 6.37 7.47 -1.06
HD1 HYP A 29 6.53 4.39 -0.36
N ASN A 30 4.41 9.67 1.59
CA ASN A 30 4.38 11.10 1.39
C ASN A 30 4.35 11.83 2.71
N GLN A 31 3.83 11.17 3.72
CA GLN A 31 3.73 11.76 5.02
C GLN A 31 5.06 11.59 5.75
N GLY A 1 2.93 -8.51 -9.22
CA GLY A 1 3.71 -8.86 -8.03
C GLY A 1 3.23 -8.11 -6.83
N CYS A 2 3.78 -6.93 -6.62
CA CYS A 2 3.39 -6.10 -5.51
C CYS A 2 2.03 -5.48 -5.79
N ILE A 3 1.34 -5.06 -4.76
CA ILE A 3 0.05 -4.45 -4.90
C ILE A 3 0.24 -3.01 -5.39
N ALA A 4 -0.33 -2.74 -6.55
CA ALA A 4 -0.26 -1.44 -7.17
C ALA A 4 -0.89 -0.39 -6.27
N THR A 5 -0.28 0.77 -6.21
CA THR A 5 -0.73 1.81 -5.34
C THR A 5 -2.14 2.26 -5.63
N GLY A 6 -2.91 2.44 -4.59
CA GLY A 6 -4.29 2.78 -4.73
C GLY A 6 -5.19 1.57 -4.57
N SER A 7 -4.66 0.39 -4.79
CA SER A 7 -5.45 -0.81 -4.65
C SER A 7 -5.60 -1.18 -3.17
N PHE A 8 -6.59 -2.03 -2.88
CA PHE A 8 -6.89 -2.47 -1.54
C PHE A 8 -5.74 -3.28 -0.96
N CYS A 9 -5.33 -2.92 0.22
CA CYS A 9 -4.29 -3.66 0.91
C CYS A 9 -4.61 -3.82 2.39
N THR A 10 -4.21 -4.94 2.94
CA THR A 10 -4.33 -5.19 4.36
C THR A 10 -2.94 -5.23 5.00
N LEU A 11 -1.94 -5.36 4.16
CA LEU A 11 -0.57 -5.47 4.58
C LEU A 11 0.26 -4.48 3.81
N SER A 12 1.08 -3.74 4.52
CA SER A 12 1.93 -2.73 3.92
C SER A 12 3.00 -3.37 3.03
N LYS A 13 3.44 -4.54 3.43
CA LYS A 13 4.47 -5.28 2.71
C LYS A 13 4.03 -5.71 1.31
N GLY A 14 2.73 -5.69 1.08
CA GLY A 14 2.22 -6.12 -0.21
C GLY A 14 2.33 -5.03 -1.23
N CYS A 15 2.22 -3.81 -0.78
CA CYS A 15 2.23 -2.64 -1.64
C CYS A 15 3.58 -2.39 -2.24
N CYS A 16 3.59 -1.88 -3.45
CA CYS A 16 4.83 -1.54 -4.15
C CYS A 16 5.57 -0.42 -3.40
N THR A 17 4.82 0.49 -2.80
CA THR A 17 5.38 1.59 -2.03
C THR A 17 5.73 1.18 -0.60
N LYS A 18 5.52 -0.10 -0.29
CA LYS A 18 5.78 -0.70 1.04
C LYS A 18 4.92 -0.06 2.14
N ASN A 19 3.93 0.71 1.75
CA ASN A 19 3.08 1.39 2.69
C ASN A 19 1.63 1.20 2.31
N CYS A 20 0.84 0.94 3.30
CA CYS A 20 -0.57 0.74 3.19
C CYS A 20 -1.16 1.45 4.37
N GLY A 21 -2.20 2.20 4.17
CA GLY A 21 -2.71 2.97 5.28
C GLY A 21 -4.00 2.45 5.85
N TRP A 22 -4.58 3.25 6.74
CA TRP A 22 -5.86 2.98 7.38
C TRP A 22 -7.01 3.14 6.38
N ASN A 23 -6.67 3.59 5.20
CA ASN A 23 -7.59 3.76 4.12
C ASN A 23 -7.70 2.47 3.33
N PHE A 24 -6.84 1.50 3.70
CA PHE A 24 -6.78 0.17 3.06
C PHE A 24 -6.45 0.29 1.60
N LYS A 25 -5.62 1.24 1.29
CA LYS A 25 -5.13 1.49 -0.02
C LYS A 25 -3.65 1.71 0.09
N CYS A 26 -2.92 1.23 -0.89
CA CYS A 26 -1.49 1.38 -0.90
C CYS A 26 -1.10 2.82 -1.08
N ASN A 27 -0.33 3.32 -0.15
CA ASN A 27 0.05 4.72 -0.09
C ASN A 27 1.57 4.78 -0.16
N HYP A 28 2.15 5.93 -0.46
CA HYP A 28 3.63 6.07 -0.45
C HYP A 28 4.11 6.46 0.94
O HYP A 28 3.30 6.84 1.79
CB HYP A 28 3.89 7.21 -1.45
CG HYP A 28 2.60 7.44 -2.14
CD HYP A 28 1.54 7.07 -1.16
OD1 HYP A 28 2.46 6.58 -3.27
HA HYP A 28 4.14 5.17 -0.73
HB2 HYP A 28 4.66 6.91 -2.16
HB3 HYP A 28 4.23 8.09 -0.93
HG HYP A 28 2.52 8.46 -2.50
HD22 HYP A 28 0.65 6.76 -1.68
HD23 HYP A 28 1.33 7.89 -0.50
HD1 HYP A 28 1.51 6.52 -3.42
N HYP A 29 5.41 6.31 1.22
CA HYP A 29 5.94 6.69 2.53
C HYP A 29 5.93 8.19 2.73
O HYP A 29 6.33 8.96 1.83
CB HYP A 29 7.40 6.17 2.49
CG HYP A 29 7.37 5.15 1.42
CD HYP A 29 6.47 5.71 0.39
OD1 HYP A 29 6.77 3.97 1.91
HA HYP A 29 5.40 6.21 3.33
HB2 HYP A 29 7.66 5.74 3.45
HB3 HYP A 29 8.06 6.98 2.26
HG HYP A 29 8.36 4.91 1.09
HD22 HYP A 29 6.07 4.92 -0.22
HD23 HYP A 29 6.98 6.45 -0.21
HD1 HYP A 29 6.31 3.59 1.13
N ASN A 30 5.43 8.61 3.86
CA ASN A 30 5.32 10.02 4.20
C ASN A 30 6.65 10.48 4.72
N GLN A 31 7.32 9.57 5.35
CA GLN A 31 8.65 9.72 5.86
C GLN A 31 9.35 8.43 5.56
#